data_3T41
#
_entry.id   3T41
#
_cell.length_a   71.234
_cell.length_b   68.473
_cell.length_c   97.723
_cell.angle_alpha   90.00
_cell.angle_beta   91.66
_cell.angle_gamma   90.00
#
_symmetry.space_group_name_H-M   'P 1 21 1'
#
loop_
_entity.id
_entity.type
_entity.pdbx_description
1 polymer 'Epidermin leader peptide processing serine protease EpiP'
2 non-polymer 'CALCIUM ION'
3 non-polymer 'CHLORIDE ION'
4 water water
#
_entity_poly.entity_id   1
_entity_poly.type   'polypeptide(L)'
_entity_poly.pdbx_seq_one_letter_code
;MHHHHHHSSGVDLGTENLYFQSNAMGSSHHHYHHENLYFQGSEELYYSVEYKNTATFNKLVKKKSLNVVYNIPELHVAQI
KMTKMHANALANYKNDIKYINATCSTCITSEKTIDRTSNESLFSRQWDMNKITNNGASYDDLPKHANTKIAIIDTGVMKN
HDDLKNNFSTDSKNLVPLNGFRGTEPEETGDVHDVNDRKGHGTMVSGQTSANGKLIGVAPNNKFTMYRVFGSKKTELLWV
SKAIVQAANDGNQVINISVGSYIILDKNDHQTFRKDEKVEYDALQKAINYAKKKKSIVVAAAGNDGIDVNDKQKLKLQRE
YQGNGEVKDVPASMDNVVTVGSTDQKSNLSEFSNFGMNYTDIAAPGGSFAYLNQFGVDKWMNEGYMHKENILTTANNGRY
IYQAGTALATPKVSGALALIIDKYHLEKHPDKAIELLYQHGTSKNNKPFSRYGHGELDVYKALNVANQKAS
;
_entity_poly.pdbx_strand_id   A,B
#
loop_
_chem_comp.id
_chem_comp.type
_chem_comp.name
_chem_comp.formula
CA non-polymer 'CALCIUM ION' 'Ca 2'
CL non-polymer 'CHLORIDE ION' 'Cl -1'
#
# COMPACT_ATOMS: atom_id res chain seq x y z
N GLU A 43 14.28 38.38 -12.22
CA GLU A 43 12.87 37.92 -12.38
C GLU A 43 12.45 37.03 -11.22
N GLU A 44 11.14 37.03 -10.93
CA GLU A 44 10.60 36.23 -9.84
C GLU A 44 9.95 34.95 -10.34
N LEU A 45 10.10 33.89 -9.54
CA LEU A 45 9.53 32.60 -9.86
C LEU A 45 8.60 32.19 -8.71
N TYR A 46 7.76 31.20 -8.97
CA TYR A 46 6.83 30.69 -7.97
C TYR A 46 7.46 29.50 -7.27
N TYR A 47 7.55 29.59 -5.94
CA TYR A 47 8.13 28.54 -5.13
C TYR A 47 7.14 27.99 -4.12
N SER A 48 7.21 26.67 -3.95
CA SER A 48 6.36 25.95 -3.01
C SER A 48 7.17 25.80 -1.74
N VAL A 49 6.57 26.17 -0.62
CA VAL A 49 7.27 26.17 0.65
C VAL A 49 6.53 25.46 1.77
N GLU A 50 7.23 24.54 2.46
CA GLU A 50 6.66 23.87 3.62
C GLU A 50 7.32 24.45 4.85
N TYR A 51 6.53 25.13 5.68
CA TYR A 51 7.05 25.73 6.90
C TYR A 51 6.75 24.85 8.12
N LYS A 52 7.35 25.18 9.27
CA LYS A 52 7.18 24.39 10.50
C LYS A 52 6.16 24.89 11.51
N ASN A 53 5.93 26.19 11.54
CA ASN A 53 5.00 26.76 12.51
C ASN A 53 4.29 27.99 11.94
N THR A 54 2.97 28.06 12.14
CA THR A 54 2.19 29.18 11.65
C THR A 54 2.70 30.51 12.20
N ALA A 55 2.84 30.58 13.52
CA ALA A 55 3.32 31.80 14.18
C ALA A 55 4.69 32.27 13.70
N THR A 56 5.66 31.36 13.65
CA THR A 56 7.02 31.71 13.23
C THR A 56 7.12 31.99 11.74
N PHE A 57 6.30 31.30 10.95
CA PHE A 57 6.29 31.55 9.51
C PHE A 57 5.70 32.92 9.24
N ASN A 58 4.63 33.25 9.95
CA ASN A 58 3.99 34.56 9.79
C ASN A 58 4.96 35.67 10.20
N LYS A 59 5.70 35.47 11.28
CA LYS A 59 6.68 36.47 11.70
C LYS A 59 7.80 36.62 10.67
N LEU A 60 8.17 35.52 10.03
CA LEU A 60 9.22 35.57 9.00
C LEU A 60 8.67 36.30 7.76
N VAL A 61 7.41 36.05 7.41
CA VAL A 61 6.79 36.72 6.26
C VAL A 61 6.83 38.24 6.42
N LYS A 62 6.50 38.73 7.63
CA LYS A 62 6.56 40.18 7.91
C LYS A 62 7.99 40.73 7.79
N LYS A 63 8.94 40.03 8.40
CA LYS A 63 10.35 40.45 8.40
C LYS A 63 10.94 40.66 7.01
N LYS A 64 10.73 39.70 6.12
CA LYS A 64 11.30 39.77 4.77
C LYS A 64 10.34 40.26 3.70
N SER A 65 9.11 40.59 4.09
CA SER A 65 8.09 41.06 3.16
C SER A 65 7.93 40.05 2.01
N LEU A 66 7.72 38.79 2.38
CA LEU A 66 7.57 37.72 1.41
C LEU A 66 6.20 37.82 0.76
N ASN A 67 6.16 37.71 -0.57
CA ASN A 67 4.92 37.78 -1.32
C ASN A 67 4.29 36.38 -1.39
N VAL A 68 3.48 36.07 -0.38
CA VAL A 68 2.80 34.78 -0.29
C VAL A 68 1.60 34.83 -1.22
N VAL A 69 1.59 33.98 -2.24
CA VAL A 69 0.51 33.95 -3.24
C VAL A 69 -0.54 32.85 -3.02
N TYR A 70 -0.30 31.96 -2.03
CA TYR A 70 -1.26 30.90 -1.70
C TYR A 70 -0.82 30.32 -0.37
N ASN A 71 -1.77 29.84 0.42
CA ASN A 71 -1.43 29.29 1.73
C ASN A 71 -2.43 28.22 2.11
N ILE A 72 -1.95 27.19 2.80
CA ILE A 72 -2.81 26.11 3.28
C ILE A 72 -2.34 25.86 4.70
N PRO A 73 -2.96 26.56 5.68
CA PRO A 73 -2.53 26.45 7.07
C PRO A 73 -2.56 25.02 7.63
N GLU A 74 -3.59 24.26 7.27
CA GLU A 74 -3.72 22.89 7.78
C GLU A 74 -2.54 22.01 7.39
N LEU A 75 -1.88 22.34 6.28
CA LEU A 75 -0.77 21.55 5.78
C LEU A 75 0.57 22.23 5.94
N HIS A 76 0.59 23.38 6.60
CA HIS A 76 1.82 24.15 6.79
C HIS A 76 2.56 24.30 5.45
N VAL A 77 1.82 24.70 4.43
CA VAL A 77 2.40 24.90 3.11
C VAL A 77 1.90 26.21 2.49
N ALA A 78 2.80 26.91 1.82
CA ALA A 78 2.47 28.16 1.17
C ALA A 78 3.24 28.27 -0.14
N GLN A 79 2.79 29.18 -1.01
CA GLN A 79 3.46 29.43 -2.29
C GLN A 79 3.92 30.87 -2.25
N ILE A 80 5.20 31.09 -2.51
CA ILE A 80 5.79 32.42 -2.46
C ILE A 80 6.43 32.79 -3.78
N LYS A 81 6.20 34.02 -4.21
CA LYS A 81 6.77 34.52 -5.45
C LYS A 81 8.02 35.30 -5.04
N MET A 82 9.19 34.84 -5.48
CA MET A 82 10.45 35.49 -5.14
C MET A 82 11.57 35.10 -6.09
N THR A 83 12.66 35.86 -6.06
CA THR A 83 13.81 35.58 -6.90
C THR A 83 14.47 34.30 -6.44
N LYS A 84 15.20 33.64 -7.34
CA LYS A 84 15.86 32.39 -7.01
C LYS A 84 16.88 32.59 -5.89
N MET A 85 17.49 33.78 -5.84
CA MET A 85 18.47 34.07 -4.80
C MET A 85 17.79 34.18 -3.43
N HIS A 86 16.62 34.84 -3.35
CA HIS A 86 15.92 34.94 -2.08
C HIS A 86 15.40 33.57 -1.64
N ALA A 87 15.09 32.70 -2.61
CA ALA A 87 14.61 31.35 -2.30
C ALA A 87 15.72 30.60 -1.58
N ASN A 88 16.92 30.64 -2.16
CA ASN A 88 18.09 29.99 -1.53
C ASN A 88 18.29 30.50 -0.12
N ALA A 89 18.28 31.82 0.03
CA ALA A 89 18.44 32.46 1.34
C ALA A 89 17.36 31.98 2.30
N LEU A 90 16.09 32.04 1.88
CA LEU A 90 14.98 31.61 2.73
C LEU A 90 15.21 30.18 3.26
N ALA A 91 15.86 29.36 2.45
CA ALA A 91 16.16 27.97 2.80
C ALA A 91 17.12 27.82 4.01
N ASN A 92 17.94 28.85 4.28
CA ASN A 92 18.87 28.80 5.42
C ASN A 92 18.19 28.90 6.80
N TYR A 93 16.93 29.32 6.83
CA TYR A 93 16.18 29.42 8.08
C TYR A 93 15.62 28.04 8.41
N LYS A 94 16.50 27.18 8.93
CA LYS A 94 16.15 25.79 9.27
C LYS A 94 15.10 25.71 10.39
N ASN A 95 15.06 26.73 11.25
CA ASN A 95 14.09 26.78 12.35
C ASN A 95 12.63 26.95 11.92
N ASP A 96 12.41 27.69 10.85
CA ASP A 96 11.04 27.96 10.37
C ASP A 96 10.68 27.31 9.03
N ILE A 97 11.68 26.86 8.27
CA ILE A 97 11.47 26.28 6.94
C ILE A 97 11.93 24.84 6.81
N LYS A 98 11.04 23.94 6.38
CA LYS A 98 11.40 22.54 6.22
C LYS A 98 11.93 22.28 4.82
N TYR A 99 11.14 22.62 3.79
CA TYR A 99 11.53 22.41 2.39
C TYR A 99 11.07 23.54 1.46
N ILE A 100 11.79 23.68 0.35
CA ILE A 100 11.45 24.66 -0.69
C ILE A 100 11.81 24.11 -2.06
N ASN A 101 10.89 24.22 -3.00
CA ASN A 101 11.17 23.82 -4.37
C ASN A 101 10.37 24.66 -5.34
N ALA A 102 10.93 24.89 -6.52
CA ALA A 102 10.23 25.65 -7.54
C ALA A 102 8.93 24.90 -7.84
N THR A 103 7.82 25.63 -7.95
CA THR A 103 6.53 25.01 -8.25
C THR A 103 6.58 24.44 -9.66
N CYS A 104 6.30 23.14 -9.80
CA CYS A 104 6.35 22.47 -11.12
C CYS A 104 5.44 23.12 -12.17
N SER A 105 6.00 23.42 -13.33
CA SER A 105 5.25 24.05 -14.43
C SER A 105 4.53 23.00 -15.26
N THR A 106 5.30 22.06 -15.80
CA THR A 106 4.79 21.02 -16.68
C THR A 106 4.63 19.68 -15.99
N CYS A 107 3.89 19.65 -14.89
CA CYS A 107 3.66 18.42 -14.14
C CYS A 107 2.23 17.86 -14.29
N ILE A 108 1.24 18.75 -14.34
CA ILE A 108 -0.16 18.31 -14.46
C ILE A 108 -0.50 17.87 -15.90
N THR A 109 -1.20 16.74 -16.00
CA THR A 109 -1.61 16.23 -17.31
C THR A 109 -2.84 17.01 -17.77
N SER A 110 -2.90 17.28 -19.07
CA SER A 110 -4.00 18.01 -19.67
C SER A 110 -5.29 17.17 -19.74
N GLU A 111 -6.42 17.83 -19.48
CA GLU A 111 -7.74 17.20 -19.47
C GLU A 111 -8.26 17.17 -20.91
N LYS A 112 -9.37 16.45 -21.12
CA LYS A 112 -9.96 16.33 -22.46
C LYS A 112 -11.46 16.65 -22.50
N THR A 113 -11.79 17.79 -23.11
CA THR A 113 -13.17 18.27 -23.24
C THR A 113 -13.53 18.58 -24.69
N ILE A 114 -12.64 18.23 -25.63
CA ILE A 114 -12.87 18.48 -27.06
C ILE A 114 -14.16 17.78 -27.54
N ASP A 115 -15.07 18.57 -28.12
CA ASP A 115 -16.35 18.08 -28.62
C ASP A 115 -16.22 17.67 -30.09
N ARG A 116 -15.80 16.42 -30.28
CA ARG A 116 -15.61 15.83 -31.61
C ARG A 116 -16.85 15.11 -32.11
N GLU A 120 -22.52 16.05 -28.17
CA GLU A 120 -22.97 15.98 -29.54
C GLU A 120 -24.51 15.86 -29.65
N SER A 121 -25.02 16.24 -30.82
CA SER A 121 -26.46 16.28 -31.14
C SER A 121 -27.34 15.09 -30.70
N LEU A 122 -27.14 13.93 -31.30
CA LEU A 122 -27.96 12.74 -30.99
C LEU A 122 -27.73 12.25 -29.56
N PHE A 123 -28.84 11.96 -28.87
CA PHE A 123 -28.80 11.47 -27.50
C PHE A 123 -29.11 9.96 -27.48
N SER A 124 -28.07 9.16 -27.28
CA SER A 124 -28.21 7.70 -27.26
C SER A 124 -28.36 7.20 -25.80
N ARG A 125 -28.27 5.90 -25.59
CA ARG A 125 -28.46 5.31 -24.27
C ARG A 125 -27.15 5.10 -23.51
N GLN A 126 -27.26 5.06 -22.18
CA GLN A 126 -26.08 4.95 -21.32
C GLN A 126 -25.66 3.52 -21.09
N TRP A 127 -24.98 2.94 -22.08
CA TRP A 127 -24.49 1.56 -22.01
C TRP A 127 -23.60 1.34 -20.81
N ASP A 128 -22.86 2.37 -20.45
CA ASP A 128 -21.89 2.34 -19.34
C ASP A 128 -22.57 2.20 -17.99
N MET A 129 -23.72 2.84 -17.83
CA MET A 129 -24.49 2.72 -16.60
C MET A 129 -25.18 1.34 -16.59
N ASN A 130 -25.67 0.91 -17.76
CA ASN A 130 -26.34 -0.39 -17.85
C ASN A 130 -25.42 -1.54 -17.44
N LYS A 131 -24.14 -1.40 -17.75
CA LYS A 131 -23.12 -2.37 -17.41
C LYS A 131 -22.91 -2.57 -15.87
N ILE A 132 -23.15 -1.53 -15.08
CA ILE A 132 -22.93 -1.59 -13.63
C ILE A 132 -24.18 -1.63 -12.78
N THR A 133 -25.35 -1.46 -13.40
CA THR A 133 -26.62 -1.45 -12.69
C THR A 133 -27.54 -2.63 -13.04
N ASN A 134 -26.99 -3.68 -13.66
N ASN A 134 -26.98 -3.61 -13.75
CA ASN A 134 -27.83 -4.81 -14.16
CA ASN A 134 -27.75 -4.76 -14.17
C ASN A 134 -28.91 -4.27 -15.10
C ASN A 134 -28.88 -4.29 -15.08
N ASN A 135 -28.51 -3.48 -16.08
CA ASN A 135 -29.45 -2.92 -17.06
C ASN A 135 -30.57 -2.11 -16.43
N GLY A 136 -30.20 -1.29 -15.45
CA GLY A 136 -31.12 -0.43 -14.75
C GLY A 136 -31.83 -1.02 -13.55
N ALA A 137 -31.69 -2.32 -13.31
CA ALA A 137 -32.41 -2.95 -12.22
C ALA A 137 -32.03 -2.40 -10.82
N SER A 138 -30.80 -1.94 -10.64
CA SER A 138 -30.39 -1.41 -9.36
C SER A 138 -31.02 -0.07 -8.98
N TYR A 139 -31.57 0.67 -9.94
N TYR A 139 -31.59 0.66 -9.95
CA TYR A 139 -32.21 1.93 -9.61
CA TYR A 139 -32.25 1.93 -9.64
C TYR A 139 -33.41 1.71 -8.67
C TYR A 139 -33.38 1.70 -8.64
N ASP A 140 -33.98 0.52 -8.68
CA ASP A 140 -35.05 0.19 -7.75
C ASP A 140 -34.51 -0.04 -6.33
N ASP A 141 -33.19 -0.18 -6.17
CA ASP A 141 -32.57 -0.46 -4.87
C ASP A 141 -31.81 0.71 -4.23
N LEU A 142 -31.98 1.90 -4.77
CA LEU A 142 -31.33 3.07 -4.24
C LEU A 142 -31.82 3.36 -2.82
N PRO A 143 -30.91 3.80 -1.94
CA PRO A 143 -31.33 4.14 -0.58
C PRO A 143 -32.43 5.18 -0.59
N LYS A 144 -33.38 5.07 0.33
CA LYS A 144 -34.45 6.03 0.43
C LYS A 144 -33.91 7.39 0.91
N HIS A 145 -32.93 7.38 1.81
CA HIS A 145 -32.36 8.61 2.34
C HIS A 145 -30.94 8.80 1.82
N ALA A 146 -30.81 9.72 0.84
CA ALA A 146 -29.51 9.97 0.18
C ALA A 146 -28.73 11.07 0.89
N ASN A 147 -28.16 10.72 2.04
CA ASN A 147 -27.48 11.69 2.88
C ASN A 147 -26.06 12.09 2.51
N THR A 148 -25.32 11.15 1.95
CA THR A 148 -23.93 11.42 1.63
C THR A 148 -23.76 12.50 0.57
N LYS A 149 -22.79 13.39 0.80
CA LYS A 149 -22.49 14.45 -0.17
C LYS A 149 -21.17 14.06 -0.85
N ILE A 150 -21.16 14.19 -2.16
CA ILE A 150 -20.00 13.86 -2.95
C ILE A 150 -19.30 15.14 -3.39
N ALA A 151 -18.04 15.29 -3.01
CA ALA A 151 -17.25 16.42 -3.42
C ALA A 151 -16.56 16.03 -4.72
N ILE A 152 -16.44 17.01 -5.61
CA ILE A 152 -15.78 16.84 -6.89
C ILE A 152 -14.79 18.00 -6.99
N ILE A 153 -13.52 17.67 -7.18
CA ILE A 153 -12.44 18.63 -7.28
C ILE A 153 -12.10 18.69 -8.77
N ASP A 154 -12.48 19.79 -9.43
CA ASP A 154 -12.32 19.79 -10.88
C ASP A 154 -12.42 21.21 -11.47
N THR A 155 -12.87 21.33 -12.71
CA THR A 155 -12.88 22.64 -13.40
C THR A 155 -14.06 23.55 -13.10
N GLY A 156 -15.02 23.08 -12.32
CA GLY A 156 -16.23 23.85 -12.02
C GLY A 156 -17.41 23.07 -12.54
N VAL A 157 -18.60 23.66 -12.43
CA VAL A 157 -19.78 22.98 -12.95
C VAL A 157 -20.82 23.97 -13.40
N MET A 158 -21.61 23.57 -14.39
CA MET A 158 -22.71 24.38 -14.85
C MET A 158 -23.80 24.07 -13.86
N LYS A 159 -23.88 24.88 -12.81
CA LYS A 159 -24.83 24.63 -11.73
C LYS A 159 -26.30 24.60 -12.09
N ASN A 160 -26.67 25.22 -13.20
N ASN A 160 -26.64 25.23 -13.22
CA ASN A 160 -28.08 25.24 -13.61
CA ASN A 160 -28.01 25.30 -13.70
C ASN A 160 -28.39 24.26 -14.75
C ASN A 160 -28.37 24.29 -14.79
N HIS A 161 -27.50 23.31 -15.03
CA HIS A 161 -27.75 22.30 -16.05
C HIS A 161 -29.02 21.61 -15.59
N ASP A 162 -30.00 21.40 -16.48
CA ASP A 162 -31.27 20.76 -16.09
C ASP A 162 -31.09 19.48 -15.30
N ASP A 163 -30.10 18.68 -15.67
CA ASP A 163 -29.87 17.39 -14.99
C ASP A 163 -29.08 17.48 -13.69
N LEU A 164 -28.41 18.62 -13.45
CA LEU A 164 -27.57 18.79 -12.27
C LEU A 164 -28.06 19.77 -11.20
N LYS A 165 -29.01 20.63 -11.55
CA LYS A 165 -29.44 21.68 -10.63
C LYS A 165 -30.02 21.26 -9.29
N ASN A 166 -30.86 20.22 -9.28
N ASN A 166 -30.88 20.25 -9.28
CA ASN A 166 -31.46 19.79 -8.03
CA ASN A 166 -31.49 19.80 -8.02
C ASN A 166 -30.40 19.27 -7.06
C ASN A 166 -30.48 19.16 -7.06
N ASN A 167 -29.38 18.60 -7.59
CA ASN A 167 -28.32 18.00 -6.76
C ASN A 167 -27.11 18.88 -6.40
N PHE A 168 -26.97 20.02 -7.08
CA PHE A 168 -25.89 20.97 -6.81
C PHE A 168 -26.01 21.56 -5.42
N SER A 169 -24.91 21.54 -4.67
CA SER A 169 -24.89 22.08 -3.32
C SER A 169 -24.26 23.47 -3.32
N THR A 170 -24.91 24.38 -2.61
CA THR A 170 -24.42 25.76 -2.47
C THR A 170 -23.15 25.85 -1.62
N ASP A 171 -22.73 24.73 -1.01
CA ASP A 171 -21.47 24.67 -0.27
C ASP A 171 -20.30 24.72 -1.25
N SER A 172 -20.59 24.58 -2.55
CA SER A 172 -19.54 24.58 -3.58
C SER A 172 -18.65 25.80 -3.42
N LYS A 173 -17.34 25.63 -3.58
CA LYS A 173 -16.41 26.74 -3.42
C LYS A 173 -15.35 26.81 -4.50
N ASN A 174 -14.85 28.03 -4.73
CA ASN A 174 -13.81 28.30 -5.70
C ASN A 174 -12.46 28.38 -5.00
N LEU A 175 -11.51 27.56 -5.41
CA LEU A 175 -10.16 27.57 -4.82
C LEU A 175 -9.14 28.26 -5.73
N VAL A 176 -9.61 28.77 -6.86
CA VAL A 176 -8.72 29.46 -7.78
C VAL A 176 -8.47 30.86 -7.19
N PRO A 177 -7.19 31.23 -7.01
CA PRO A 177 -6.90 32.53 -6.42
C PRO A 177 -7.05 33.70 -7.39
N LEU A 178 -7.07 34.90 -6.83
CA LEU A 178 -7.13 36.12 -7.61
C LEU A 178 -6.03 36.04 -8.67
N ASN A 179 -6.39 36.31 -9.92
CA ASN A 179 -5.43 36.28 -11.03
C ASN A 179 -5.00 34.89 -11.51
N GLY A 180 -5.72 33.84 -11.09
CA GLY A 180 -5.44 32.48 -11.53
C GLY A 180 -4.01 31.97 -11.57
N PHE A 181 -3.78 31.07 -12.54
CA PHE A 181 -2.51 30.39 -12.68
C PHE A 181 -1.36 31.33 -12.90
N ARG A 182 -0.39 31.26 -12.00
CA ARG A 182 0.80 32.13 -12.05
C ARG A 182 0.43 33.58 -12.33
N GLY A 183 -0.70 34.03 -11.78
CA GLY A 183 -1.16 35.41 -11.96
C GLY A 183 -1.42 35.83 -13.41
N THR A 184 -1.66 34.87 -14.31
CA THR A 184 -1.89 35.19 -15.72
C THR A 184 -3.36 35.21 -16.14
N GLU A 185 -4.28 35.19 -15.18
CA GLU A 185 -5.72 35.21 -15.52
C GLU A 185 -6.38 36.37 -14.77
N PRO A 186 -6.25 37.59 -15.32
CA PRO A 186 -6.79 38.77 -14.63
C PRO A 186 -8.31 38.76 -14.40
N GLU A 187 -9.03 37.89 -15.11
CA GLU A 187 -10.49 37.77 -14.98
C GLU A 187 -10.91 36.89 -13.79
N GLU A 188 -9.96 36.20 -13.17
CA GLU A 188 -10.25 35.39 -11.99
C GLU A 188 -10.26 36.33 -10.80
N THR A 189 -11.46 36.64 -10.31
CA THR A 189 -11.64 37.58 -9.20
C THR A 189 -11.22 37.03 -7.84
N GLY A 190 -11.24 35.71 -7.69
CA GLY A 190 -10.93 35.08 -6.41
C GLY A 190 -12.21 34.93 -5.60
N ASP A 191 -13.36 35.18 -6.25
CA ASP A 191 -14.67 35.05 -5.63
C ASP A 191 -14.88 33.60 -5.19
N VAL A 192 -14.94 33.37 -3.88
CA VAL A 192 -15.11 32.02 -3.35
C VAL A 192 -16.39 31.30 -3.83
N HIS A 193 -17.43 32.04 -4.20
CA HIS A 193 -18.67 31.40 -4.67
C HIS A 193 -18.69 31.09 -6.17
N ASP A 194 -17.70 31.55 -6.92
CA ASP A 194 -17.67 31.33 -8.37
C ASP A 194 -17.10 29.96 -8.80
N VAL A 195 -18.01 29.00 -9.05
CA VAL A 195 -17.61 27.68 -9.51
C VAL A 195 -18.07 27.40 -10.95
N ASN A 196 -18.32 28.45 -11.73
N ASN A 196 -18.30 28.46 -11.73
CA ASN A 196 -18.72 28.27 -13.13
CA ASN A 196 -18.68 28.32 -13.13
C ASN A 196 -17.63 27.53 -13.90
C ASN A 196 -17.63 27.52 -13.89
N ASP A 197 -18.08 26.61 -14.77
CA ASP A 197 -17.17 25.75 -15.54
C ASP A 197 -16.73 26.34 -16.89
N ARG A 198 -15.53 26.90 -16.92
CA ARG A 198 -14.98 27.48 -18.15
C ARG A 198 -14.53 26.40 -19.13
N LYS A 199 -13.85 25.38 -18.61
CA LYS A 199 -13.28 24.31 -19.44
C LYS A 199 -14.24 23.22 -19.89
N GLY A 200 -15.18 22.85 -19.02
CA GLY A 200 -16.19 21.82 -19.37
C GLY A 200 -16.00 20.44 -18.75
N HIS A 201 -14.82 20.18 -18.18
CA HIS A 201 -14.53 18.88 -17.62
C HIS A 201 -15.33 18.54 -16.36
N GLY A 202 -15.39 19.48 -15.43
CA GLY A 202 -16.11 19.30 -14.19
C GLY A 202 -17.58 19.00 -14.37
N THR A 203 -18.19 19.60 -15.40
CA THR A 203 -19.61 19.34 -15.71
C THR A 203 -19.78 17.90 -16.19
N MET A 204 -18.82 17.40 -16.97
CA MET A 204 -18.85 16.02 -17.45
C MET A 204 -18.80 15.02 -16.31
N VAL A 205 -17.87 15.28 -15.38
CA VAL A 205 -17.66 14.43 -14.19
C VAL A 205 -18.90 14.44 -13.29
N SER A 206 -19.48 15.64 -13.08
CA SER A 206 -20.68 15.81 -12.22
C SER A 206 -21.89 15.02 -12.71
N GLY A 207 -22.02 14.89 -14.03
CA GLY A 207 -23.10 14.12 -14.61
C GLY A 207 -22.98 12.64 -14.28
N GLN A 208 -21.76 12.14 -14.19
CA GLN A 208 -21.54 10.72 -13.87
C GLN A 208 -21.93 10.41 -12.45
N THR A 209 -21.65 11.30 -11.52
CA THR A 209 -22.06 11.07 -10.16
C THR A 209 -23.53 11.40 -9.91
N SER A 210 -23.99 12.48 -10.52
CA SER A 210 -25.26 13.08 -10.09
C SER A 210 -26.33 13.51 -11.07
N ALA A 211 -26.20 13.21 -12.36
CA ALA A 211 -27.27 13.59 -13.28
C ALA A 211 -28.57 12.96 -12.82
N ASN A 212 -29.66 13.70 -12.90
CA ASN A 212 -30.95 13.15 -12.55
C ASN A 212 -32.00 13.81 -13.41
N GLY A 213 -32.04 13.42 -14.67
CA GLY A 213 -33.05 13.98 -15.60
C GLY A 213 -33.00 13.14 -16.84
N LYS A 214 -32.65 13.73 -17.97
N LYS A 214 -32.63 13.75 -17.96
CA LYS A 214 -32.55 13.00 -19.22
CA LYS A 214 -32.52 13.04 -19.22
C LYS A 214 -31.41 11.97 -19.11
C LYS A 214 -31.41 11.99 -19.10
N LEU A 215 -30.33 12.35 -18.43
CA LEU A 215 -29.22 11.47 -18.19
C LEU A 215 -29.37 11.09 -16.70
N ILE A 216 -28.91 9.91 -16.32
CA ILE A 216 -28.99 9.47 -14.93
C ILE A 216 -27.59 9.04 -14.50
N GLY A 217 -27.07 9.67 -13.45
CA GLY A 217 -25.77 9.35 -12.89
C GLY A 217 -25.86 8.14 -11.94
N VAL A 218 -24.74 7.79 -11.32
CA VAL A 218 -24.74 6.64 -10.44
C VAL A 218 -25.54 6.89 -9.15
N ALA A 219 -25.47 8.11 -8.61
CA ALA A 219 -26.15 8.50 -7.35
C ALA A 219 -27.06 9.68 -7.61
N PRO A 220 -28.15 9.44 -8.36
CA PRO A 220 -29.01 10.54 -8.80
C PRO A 220 -29.77 11.30 -7.71
N ASN A 221 -29.78 10.79 -6.47
CA ASN A 221 -30.50 11.47 -5.38
C ASN A 221 -29.55 12.15 -4.40
N ASN A 222 -28.25 11.96 -4.57
CA ASN A 222 -27.27 12.59 -3.67
C ASN A 222 -26.80 13.98 -4.09
N LYS A 223 -26.56 14.85 -3.11
CA LYS A 223 -26.06 16.19 -3.38
C LYS A 223 -24.57 16.08 -3.70
N PHE A 224 -24.08 16.93 -4.60
CA PHE A 224 -22.65 16.99 -4.92
C PHE A 224 -22.17 18.42 -4.67
N THR A 225 -20.91 18.56 -4.29
CA THR A 225 -20.29 19.84 -4.04
C THR A 225 -19.10 20.00 -5.00
N MET A 226 -19.05 21.11 -5.73
CA MET A 226 -17.94 21.36 -6.66
C MET A 226 -16.90 22.27 -6.03
N TYR A 227 -15.64 21.86 -6.12
CA TYR A 227 -14.51 22.64 -5.65
C TYR A 227 -13.72 22.94 -6.89
N ARG A 228 -13.84 24.17 -7.38
CA ARG A 228 -13.18 24.57 -8.61
C ARG A 228 -11.72 24.85 -8.38
N VAL A 229 -10.87 24.20 -9.17
CA VAL A 229 -9.45 24.36 -9.09
C VAL A 229 -8.83 24.71 -10.45
N PHE A 230 -9.66 25.11 -11.40
CA PHE A 230 -9.15 25.53 -12.71
C PHE A 230 -9.90 26.76 -13.13
N GLY A 231 -9.16 27.67 -13.77
CA GLY A 231 -9.75 28.85 -14.35
C GLY A 231 -9.94 28.42 -15.80
N SER A 232 -9.15 29.03 -16.69
CA SER A 232 -9.18 28.68 -18.11
C SER A 232 -7.85 28.10 -18.58
N LYS A 233 -6.90 27.98 -17.67
CA LYS A 233 -5.57 27.46 -18.00
C LYS A 233 -5.27 26.23 -17.14
N LYS A 234 -4.09 26.16 -16.55
CA LYS A 234 -3.73 25.01 -15.73
C LYS A 234 -4.14 25.17 -14.28
N THR A 235 -4.02 24.07 -13.52
CA THR A 235 -4.25 24.09 -12.08
C THR A 235 -2.88 23.93 -11.43
N GLU A 236 -2.85 24.07 -10.11
CA GLU A 236 -1.65 23.88 -9.29
C GLU A 236 -2.01 22.76 -8.32
N LEU A 237 -1.09 21.83 -8.08
CA LEU A 237 -1.38 20.77 -7.12
C LEU A 237 -1.65 21.32 -5.71
N LEU A 238 -1.12 22.51 -5.39
CA LEU A 238 -1.37 23.10 -4.09
C LEU A 238 -2.85 23.53 -4.01
N TRP A 239 -3.45 23.97 -5.12
CA TRP A 239 -4.88 24.33 -5.10
C TRP A 239 -5.72 23.06 -4.88
N VAL A 240 -5.32 21.99 -5.55
CA VAL A 240 -6.00 20.71 -5.42
C VAL A 240 -5.93 20.26 -3.94
N SER A 241 -4.75 20.39 -3.34
CA SER A 241 -4.56 20.02 -1.94
C SER A 241 -5.47 20.83 -1.02
N LYS A 242 -5.56 22.14 -1.27
CA LYS A 242 -6.39 22.98 -0.43
C LYS A 242 -7.87 22.59 -0.61
N ALA A 243 -8.23 22.21 -1.83
CA ALA A 243 -9.61 21.79 -2.15
C ALA A 243 -10.00 20.51 -1.39
N ILE A 244 -9.04 19.61 -1.23
CA ILE A 244 -9.25 18.35 -0.53
C ILE A 244 -9.53 18.66 0.94
N VAL A 245 -8.71 19.53 1.54
CA VAL A 245 -8.90 19.94 2.92
C VAL A 245 -10.28 20.57 3.11
N GLN A 246 -10.65 21.48 2.20
CA GLN A 246 -11.95 22.14 2.26
C GLN A 246 -13.11 21.13 2.14
N ALA A 247 -12.99 20.21 1.18
CA ALA A 247 -14.04 19.20 0.96
C ALA A 247 -14.25 18.36 2.22
N ALA A 248 -13.15 17.99 2.87
CA ALA A 248 -13.23 17.22 4.09
C ALA A 248 -13.85 18.06 5.21
N ASN A 249 -13.41 19.31 5.36
CA ASN A 249 -13.99 20.19 6.38
C ASN A 249 -15.48 20.44 6.17
N ASP A 250 -15.93 20.49 4.91
CA ASP A 250 -17.34 20.69 4.59
C ASP A 250 -18.19 19.41 4.77
N GLY A 251 -17.59 18.33 5.26
CA GLY A 251 -18.34 17.11 5.50
C GLY A 251 -18.75 16.25 4.31
N ASN A 252 -18.02 16.32 3.20
CA ASN A 252 -18.26 15.46 2.04
C ASN A 252 -17.54 14.15 2.32
N GLN A 253 -18.29 13.08 2.54
N GLN A 253 -18.27 13.07 2.60
CA GLN A 253 -17.66 11.81 2.89
CA GLN A 253 -17.60 11.80 2.88
C GLN A 253 -17.00 11.09 1.71
C GLN A 253 -16.91 11.14 1.69
N VAL A 254 -17.28 11.54 0.48
CA VAL A 254 -16.65 10.99 -0.73
C VAL A 254 -16.06 12.17 -1.50
N ILE A 255 -14.77 12.09 -1.81
CA ILE A 255 -14.06 13.14 -2.53
C ILE A 255 -13.50 12.58 -3.84
N ASN A 256 -14.00 13.09 -4.96
CA ASN A 256 -13.62 12.62 -6.30
C ASN A 256 -12.61 13.53 -6.97
N ILE A 257 -11.48 12.95 -7.35
CA ILE A 257 -10.41 13.69 -8.04
C ILE A 257 -10.22 12.99 -9.38
N SER A 258 -10.77 13.58 -10.44
CA SER A 258 -10.73 12.96 -11.78
C SER A 258 -9.56 13.47 -12.60
N VAL A 259 -8.62 14.16 -11.95
CA VAL A 259 -7.43 14.68 -12.60
C VAL A 259 -6.20 14.18 -11.88
N GLY A 260 -5.09 14.07 -12.61
CA GLY A 260 -3.86 13.59 -12.07
C GLY A 260 -2.67 14.24 -12.71
N SER A 261 -1.49 13.96 -12.14
CA SER A 261 -0.27 14.53 -12.64
C SER A 261 0.89 13.58 -12.36
N TYR A 262 1.98 13.79 -13.06
CA TYR A 262 3.20 13.02 -12.85
C TYR A 262 4.16 13.97 -12.16
N ILE A 263 4.61 13.60 -10.98
CA ILE A 263 5.45 14.43 -10.15
C ILE A 263 6.81 13.78 -9.93
N ILE A 264 7.84 14.60 -9.75
CA ILE A 264 9.19 14.11 -9.51
C ILE A 264 9.46 14.19 -8.01
N LEU A 265 9.88 13.06 -7.43
CA LEU A 265 10.20 12.98 -6.01
C LEU A 265 11.53 12.27 -5.85
N ASP A 266 12.47 12.88 -5.13
CA ASP A 266 13.79 12.31 -4.88
C ASP A 266 13.97 12.12 -3.39
N LYS A 267 13.56 10.94 -2.91
CA LYS A 267 13.63 10.59 -1.47
C LYS A 267 15.03 10.60 -0.89
N ASN A 268 16.04 10.36 -1.71
CA ASN A 268 17.42 10.37 -1.24
C ASN A 268 17.96 11.76 -0.87
N ASP A 269 17.35 12.80 -1.43
CA ASP A 269 17.80 14.17 -1.16
C ASP A 269 17.14 14.68 0.12
N HIS A 270 17.95 14.97 1.14
CA HIS A 270 17.45 15.49 2.42
C HIS A 270 17.65 17.00 2.56
N GLN A 271 18.04 17.68 1.49
CA GLN A 271 18.25 19.13 1.51
C GLN A 271 16.97 19.94 1.67
N THR A 272 17.10 21.17 2.16
CA THR A 272 15.96 22.07 2.36
C THR A 272 15.55 22.62 1.01
N PHE A 273 16.51 23.21 0.29
CA PHE A 273 16.23 23.72 -1.05
C PHE A 273 16.40 22.50 -1.93
N ARG A 274 15.40 22.22 -2.76
CA ARG A 274 15.41 21.00 -3.57
C ARG A 274 15.17 21.20 -5.04
N LYS A 275 15.53 20.19 -5.82
CA LYS A 275 15.31 20.22 -7.26
C LYS A 275 14.09 19.38 -7.67
N ASP A 276 13.54 18.59 -6.73
CA ASP A 276 12.37 17.77 -7.05
C ASP A 276 11.08 18.55 -6.74
N GLU A 277 9.96 17.85 -6.57
CA GLU A 277 8.68 18.50 -6.30
C GLU A 277 8.10 17.93 -5.01
N LYS A 278 8.96 17.82 -4.01
CA LYS A 278 8.60 17.22 -2.72
C LYS A 278 7.51 17.98 -1.96
N VAL A 279 7.58 19.31 -1.96
CA VAL A 279 6.57 20.09 -1.26
C VAL A 279 5.18 19.73 -1.79
N GLU A 280 5.00 19.71 -3.11
CA GLU A 280 3.70 19.31 -3.72
C GLU A 280 3.28 17.88 -3.41
N TYR A 281 4.25 16.97 -3.45
CA TYR A 281 3.98 15.57 -3.15
C TYR A 281 3.52 15.42 -1.70
N ASP A 282 4.29 15.97 -0.78
CA ASP A 282 3.96 15.87 0.64
C ASP A 282 2.66 16.55 1.02
N ALA A 283 2.40 17.70 0.40
CA ALA A 283 1.17 18.46 0.65
C ALA A 283 -0.06 17.66 0.23
N LEU A 284 0.00 17.08 -0.97
CA LEU A 284 -1.12 16.29 -1.50
C LEU A 284 -1.37 15.04 -0.65
N GLN A 285 -0.29 14.33 -0.31
CA GLN A 285 -0.45 13.14 0.49
C GLN A 285 -1.02 13.49 1.86
N LYS A 286 -0.58 14.61 2.42
CA LYS A 286 -1.05 15.03 3.72
C LYS A 286 -2.51 15.47 3.71
N ALA A 287 -2.93 16.11 2.62
CA ALA A 287 -4.31 16.55 2.46
C ALA A 287 -5.22 15.31 2.44
N ILE A 288 -4.79 14.31 1.68
CA ILE A 288 -5.50 13.04 1.57
C ILE A 288 -5.61 12.36 2.95
N ASN A 289 -4.53 12.38 3.73
CA ASN A 289 -4.57 11.77 5.06
C ASN A 289 -5.41 12.58 6.04
N TYR A 290 -5.47 13.89 5.82
CA TYR A 290 -6.29 14.77 6.63
C TYR A 290 -7.76 14.45 6.34
N ALA A 291 -8.05 14.23 5.07
CA ALA A 291 -9.41 13.85 4.63
C ALA A 291 -9.79 12.53 5.31
N LYS A 292 -8.87 11.56 5.30
CA LYS A 292 -9.10 10.26 5.96
C LYS A 292 -9.41 10.47 7.44
N LYS A 293 -8.65 11.36 8.07
CA LYS A 293 -8.83 11.65 9.49
C LYS A 293 -10.23 12.22 9.74
N LYS A 294 -10.77 12.97 8.78
CA LYS A 294 -12.12 13.52 8.92
C LYS A 294 -13.23 12.57 8.45
N LYS A 295 -12.85 11.33 8.19
CA LYS A 295 -13.76 10.27 7.75
C LYS A 295 -14.26 10.47 6.32
N SER A 296 -13.42 11.04 5.46
CA SER A 296 -13.74 11.20 4.05
C SER A 296 -12.90 10.19 3.26
N ILE A 297 -13.48 9.69 2.18
CA ILE A 297 -12.82 8.75 1.28
C ILE A 297 -12.36 9.47 0.01
N VAL A 298 -11.09 9.33 -0.36
CA VAL A 298 -10.57 9.95 -1.57
C VAL A 298 -10.55 8.89 -2.68
N VAL A 299 -11.18 9.26 -3.80
CA VAL A 299 -11.29 8.41 -4.99
C VAL A 299 -10.59 9.16 -6.13
N ALA A 300 -9.61 8.53 -6.76
CA ALA A 300 -8.86 9.18 -7.81
C ALA A 300 -8.74 8.38 -9.05
N ALA A 301 -8.63 9.09 -10.17
CA ALA A 301 -8.47 8.50 -11.48
C ALA A 301 -7.05 8.03 -11.72
N ALA A 302 -6.94 6.86 -12.33
CA ALA A 302 -5.68 6.34 -12.77
C ALA A 302 -5.29 7.25 -13.93
N GLY A 303 -4.00 7.37 -14.22
CA GLY A 303 -3.50 8.18 -15.33
C GLY A 303 -4.08 7.68 -16.65
N ASN A 304 -4.03 8.52 -17.67
N ASN A 304 -4.05 8.52 -17.67
CA ASN A 304 -4.65 8.21 -18.94
CA ASN A 304 -4.62 8.17 -18.97
C ASN A 304 -3.64 7.94 -20.05
C ASN A 304 -3.61 7.93 -20.06
N ASP A 305 -2.50 7.32 -19.72
CA ASP A 305 -1.45 7.04 -20.70
C ASP A 305 -1.22 5.56 -20.98
N GLY A 306 -2.11 4.69 -20.54
CA GLY A 306 -1.98 3.26 -20.81
C GLY A 306 -0.67 2.64 -20.33
N ILE A 307 -0.12 3.22 -19.26
CA ILE A 307 1.15 2.80 -18.69
C ILE A 307 1.03 1.85 -17.47
N ASP A 308 1.90 0.84 -17.43
CA ASP A 308 2.04 -0.05 -16.28
C ASP A 308 2.91 0.80 -15.37
N VAL A 309 2.33 1.33 -14.30
CA VAL A 309 3.07 2.23 -13.40
C VAL A 309 4.29 1.57 -12.74
N ASN A 310 4.40 0.25 -12.82
CA ASN A 310 5.57 -0.46 -12.28
C ASN A 310 6.72 -0.46 -13.28
N ASP A 311 6.48 0.04 -14.49
CA ASP A 311 7.53 0.14 -15.49
C ASP A 311 8.13 1.53 -15.29
N LYS A 312 9.19 1.59 -14.49
CA LYS A 312 9.89 2.87 -14.22
C LYS A 312 10.28 3.65 -15.47
N GLN A 313 10.91 2.98 -16.42
CA GLN A 313 11.32 3.64 -17.67
C GLN A 313 10.16 4.39 -18.30
N LYS A 314 8.97 3.77 -18.33
CA LYS A 314 7.82 4.45 -18.92
C LYS A 314 7.31 5.63 -18.09
N LEU A 315 7.31 5.52 -16.76
CA LEU A 315 6.87 6.66 -15.93
C LEU A 315 7.79 7.86 -16.10
N LYS A 316 9.09 7.63 -15.99
CA LYS A 316 10.06 8.72 -16.16
C LYS A 316 9.92 9.41 -17.51
N LEU A 317 9.49 8.66 -18.52
CA LEU A 317 9.35 9.20 -19.87
C LEU A 317 8.19 10.22 -19.95
N GLN A 318 7.28 10.20 -18.98
CA GLN A 318 6.15 11.14 -18.94
C GLN A 318 6.57 12.55 -18.55
N ARG A 319 7.77 12.69 -18.00
CA ARG A 319 8.35 13.99 -17.64
C ARG A 319 9.73 14.16 -18.26
N GLU A 320 10.07 13.29 -19.23
CA GLU A 320 11.40 13.33 -19.88
C GLU A 320 12.46 13.53 -18.79
N TYR A 321 12.37 12.71 -17.75
CA TYR A 321 13.24 12.79 -16.57
C TYR A 321 14.39 11.78 -16.57
N GLN A 322 15.61 12.30 -16.53
N GLN A 322 15.62 12.29 -16.51
CA GLN A 322 16.84 11.48 -16.50
CA GLN A 322 16.82 11.47 -16.49
C GLN A 322 17.57 11.61 -15.15
C GLN A 322 17.58 11.64 -15.16
N GLY A 323 16.93 12.26 -14.18
CA GLY A 323 17.55 12.48 -12.86
C GLY A 323 17.66 11.25 -11.97
N ASN A 324 17.95 11.51 -10.69
CA ASN A 324 18.14 10.46 -9.68
C ASN A 324 16.82 9.89 -9.12
N GLY A 325 15.86 10.78 -8.85
CA GLY A 325 14.58 10.39 -8.27
C GLY A 325 13.65 9.56 -9.16
N GLU A 326 12.36 9.58 -8.83
CA GLU A 326 11.33 8.85 -9.55
C GLU A 326 10.19 9.76 -9.97
N VAL A 327 9.42 9.30 -10.94
CA VAL A 327 8.23 9.99 -11.41
C VAL A 327 7.07 9.20 -10.83
N LYS A 328 6.10 9.86 -10.22
CA LYS A 328 4.99 9.15 -9.64
C LYS A 328 3.68 9.71 -10.13
N ASP A 329 2.73 8.82 -10.39
CA ASP A 329 1.41 9.17 -10.87
C ASP A 329 0.61 9.52 -9.61
N VAL A 330 0.31 10.82 -9.40
CA VAL A 330 -0.39 11.28 -8.19
C VAL A 330 -1.61 12.14 -8.48
N PRO A 331 -2.67 12.04 -7.65
CA PRO A 331 -2.78 11.21 -6.44
C PRO A 331 -3.09 9.71 -6.60
N ALA A 332 -3.20 9.20 -7.83
CA ALA A 332 -3.56 7.77 -8.06
C ALA A 332 -2.76 6.74 -7.25
N SER A 333 -1.45 6.95 -7.15
CA SER A 333 -0.59 6.00 -6.44
C SER A 333 -0.39 6.28 -4.93
N MET A 334 -1.04 7.30 -4.40
CA MET A 334 -0.82 7.67 -2.99
C MET A 334 -1.55 6.80 -1.99
N ASP A 335 -1.08 6.88 -0.74
CA ASP A 335 -1.70 6.12 0.34
C ASP A 335 -3.13 6.61 0.57
N ASN A 336 -4.01 5.69 0.93
CA ASN A 336 -5.39 6.01 1.24
C ASN A 336 -6.18 6.64 0.09
N VAL A 337 -5.99 6.08 -1.09
CA VAL A 337 -6.70 6.52 -2.29
C VAL A 337 -7.37 5.32 -2.98
N VAL A 338 -8.65 5.42 -3.32
CA VAL A 338 -9.31 4.36 -4.08
C VAL A 338 -8.91 4.69 -5.53
N THR A 339 -8.05 3.86 -6.11
CA THR A 339 -7.47 4.08 -7.45
C THR A 339 -8.31 3.41 -8.52
N VAL A 340 -8.90 4.22 -9.39
CA VAL A 340 -9.83 3.73 -10.37
C VAL A 340 -9.31 3.73 -11.81
N GLY A 341 -9.33 2.53 -12.41
CA GLY A 341 -8.98 2.30 -13.79
C GLY A 341 -10.25 2.34 -14.61
N SER A 342 -10.07 2.35 -15.92
CA SER A 342 -11.19 2.44 -16.84
C SER A 342 -11.33 1.22 -17.76
N THR A 343 -12.58 0.83 -17.97
CA THR A 343 -12.93 -0.24 -18.89
C THR A 343 -13.75 0.28 -20.07
N ASP A 344 -13.79 -0.52 -21.13
CA ASP A 344 -14.55 -0.21 -22.36
C ASP A 344 -15.87 -0.98 -22.41
N GLN A 345 -16.58 -0.86 -23.52
CA GLN A 345 -17.92 -1.49 -23.65
C GLN A 345 -17.89 -3.03 -23.66
N LYS A 346 -16.71 -3.62 -23.83
N LYS A 346 -16.71 -3.62 -23.80
CA LYS A 346 -16.53 -5.07 -23.82
CA LYS A 346 -16.57 -5.08 -23.79
C LYS A 346 -16.03 -5.57 -22.45
C LYS A 346 -16.01 -5.56 -22.46
N SER A 347 -15.97 -4.67 -21.47
CA SER A 347 -15.45 -4.96 -20.11
C SER A 347 -13.94 -5.20 -20.07
N ASN A 348 -13.23 -4.77 -21.11
CA ASN A 348 -11.79 -4.89 -21.13
C ASN A 348 -11.20 -3.55 -20.71
N LEU A 349 -10.00 -3.57 -20.15
CA LEU A 349 -9.38 -2.33 -19.72
C LEU A 349 -9.21 -1.41 -20.92
N SER A 350 -9.58 -0.13 -20.75
CA SER A 350 -9.42 0.87 -21.80
C SER A 350 -7.95 0.99 -22.20
N GLU A 351 -7.69 1.18 -23.49
CA GLU A 351 -6.31 1.29 -24.01
C GLU A 351 -5.51 2.45 -23.36
N PHE A 352 -6.21 3.50 -22.95
CA PHE A 352 -5.57 4.65 -22.30
C PHE A 352 -5.42 4.51 -20.79
N SER A 353 -6.05 3.52 -20.16
CA SER A 353 -5.94 3.42 -18.71
C SER A 353 -4.59 2.90 -18.18
N ASN A 354 -4.01 3.64 -17.25
CA ASN A 354 -2.82 3.21 -16.55
C ASN A 354 -3.30 2.04 -15.67
N PHE A 355 -2.36 1.23 -15.22
CA PHE A 355 -2.68 0.07 -14.39
C PHE A 355 -1.42 -0.37 -13.71
N GLY A 356 -1.53 -1.43 -12.90
CA GLY A 356 -0.38 -1.98 -12.24
C GLY A 356 -0.63 -2.66 -10.91
N MET A 357 0.26 -3.59 -10.57
CA MET A 357 0.24 -4.26 -9.28
C MET A 357 0.50 -3.13 -8.27
N ASN A 358 -0.17 -3.19 -7.12
CA ASN A 358 -0.04 -2.19 -6.05
C ASN A 358 -0.44 -0.78 -6.53
N TYR A 359 -1.42 -0.72 -7.43
CA TYR A 359 -1.89 0.54 -7.98
C TYR A 359 -3.40 0.50 -8.17
N THR A 360 -3.87 -0.21 -9.18
CA THR A 360 -5.31 -0.29 -9.47
C THR A 360 -6.10 -0.97 -8.33
N ASP A 361 -7.16 -0.32 -7.88
CA ASP A 361 -8.02 -0.88 -6.82
C ASP A 361 -9.31 -1.38 -7.42
N ILE A 362 -9.79 -0.74 -8.48
CA ILE A 362 -11.06 -1.11 -9.06
C ILE A 362 -11.15 -0.48 -10.44
N ALA A 363 -12.04 -0.98 -11.30
CA ALA A 363 -12.20 -0.41 -12.62
C ALA A 363 -13.69 -0.18 -12.89
N ALA A 364 -13.99 0.83 -13.69
CA ALA A 364 -15.38 1.12 -14.04
C ALA A 364 -15.41 1.63 -15.48
N PRO A 365 -16.59 1.61 -16.12
CA PRO A 365 -16.59 2.02 -17.53
C PRO A 365 -16.25 3.51 -17.79
N GLY A 366 -15.17 3.72 -18.52
CA GLY A 366 -14.75 5.05 -18.93
C GLY A 366 -14.65 5.18 -20.45
N GLY A 367 -14.90 4.10 -21.19
CA GLY A 367 -14.89 4.16 -22.62
C GLY A 367 -13.62 3.80 -23.35
N SER A 368 -13.59 4.14 -24.63
CA SER A 368 -12.48 3.84 -25.49
C SER A 368 -12.53 4.66 -26.78
N PHE A 369 -11.38 4.78 -27.42
CA PHE A 369 -11.27 5.44 -28.72
C PHE A 369 -10.62 4.47 -29.69
N ALA A 370 -10.69 3.17 -29.38
CA ALA A 370 -10.11 2.15 -30.23
C ALA A 370 -10.65 2.19 -31.66
N TYR A 371 -11.98 2.26 -31.81
N TYR A 371 -11.96 2.30 -31.82
CA TYR A 371 -12.57 2.36 -33.16
CA TYR A 371 -12.52 2.34 -33.15
C TYR A 371 -12.09 3.62 -33.87
C TYR A 371 -12.11 3.64 -33.87
N LEU A 372 -12.06 4.75 -33.14
CA LEU A 372 -11.63 6.05 -33.70
C LEU A 372 -10.18 5.97 -34.16
N ASN A 373 -9.31 5.51 -33.26
CA ASN A 373 -7.87 5.38 -33.56
C ASN A 373 -7.60 4.42 -34.70
N GLN A 374 -8.47 3.42 -34.85
N GLN A 374 -8.39 3.37 -34.81
CA GLN A 374 -8.35 2.42 -35.92
CA GLN A 374 -8.17 2.35 -35.81
C GLN A 374 -8.83 2.91 -37.29
C GLN A 374 -8.74 2.70 -37.18
N PHE A 375 -10.07 3.38 -37.33
N PHE A 375 -9.81 3.48 -37.21
CA PHE A 375 -10.71 3.80 -38.60
CA PHE A 375 -10.46 3.75 -38.50
C PHE A 375 -10.66 5.27 -39.01
C PHE A 375 -10.62 5.21 -38.98
N GLY A 376 -10.19 6.17 -38.15
CA GLY A 376 -10.22 7.58 -38.51
C GLY A 376 -11.57 8.21 -38.20
N VAL A 377 -11.55 9.52 -37.99
CA VAL A 377 -12.73 10.26 -37.59
C VAL A 377 -13.92 10.22 -38.56
N ASP A 378 -13.65 10.25 -39.88
CA ASP A 378 -14.75 10.22 -40.85
C ASP A 378 -15.56 8.93 -40.75
N LYS A 379 -14.91 7.78 -40.77
CA LYS A 379 -15.64 6.53 -40.66
C LYS A 379 -16.25 6.36 -39.24
N TRP A 380 -15.49 6.71 -38.21
CA TRP A 380 -15.97 6.62 -36.83
C TRP A 380 -17.26 7.42 -36.65
N MET A 381 -17.27 8.63 -37.20
CA MET A 381 -18.39 9.52 -36.98
C MET A 381 -19.56 9.25 -37.92
N ASN A 382 -19.33 9.18 -39.23
N ASN A 382 -19.30 9.19 -39.21
CA ASN A 382 -20.45 8.91 -40.15
CA ASN A 382 -20.37 8.91 -40.17
C ASN A 382 -21.10 7.56 -39.81
C ASN A 382 -21.06 7.57 -39.84
N GLU A 383 -20.35 6.65 -39.18
CA GLU A 383 -20.91 5.32 -38.77
C GLU A 383 -21.33 5.12 -37.27
N GLY A 384 -21.40 6.22 -36.52
CA GLY A 384 -21.88 6.23 -35.12
C GLY A 384 -21.20 5.43 -34.03
N TYR A 385 -19.91 5.20 -34.20
N TYR A 385 -19.89 5.18 -34.15
CA TYR A 385 -19.13 4.44 -33.24
CA TYR A 385 -19.24 4.36 -33.14
C TYR A 385 -19.00 5.15 -31.88
C TYR A 385 -19.09 5.12 -31.82
N MET A 386 -19.24 6.45 -31.83
CA MET A 386 -19.16 7.18 -30.56
C MET A 386 -20.27 6.67 -29.62
N HIS A 387 -21.40 6.25 -30.18
CA HIS A 387 -22.51 5.71 -29.41
C HIS A 387 -22.19 4.36 -28.76
N LYS A 388 -21.16 3.68 -29.26
CA LYS A 388 -20.77 2.36 -28.72
C LYS A 388 -19.60 2.38 -27.76
N GLU A 389 -18.61 3.25 -28.02
CA GLU A 389 -17.40 3.26 -27.19
C GLU A 389 -17.14 4.50 -26.30
N ASN A 390 -17.92 5.57 -26.48
CA ASN A 390 -17.77 6.77 -25.67
C ASN A 390 -18.85 6.86 -24.60
N ILE A 391 -18.56 7.66 -23.58
CA ILE A 391 -19.47 7.89 -22.47
C ILE A 391 -20.32 9.12 -22.75
N LEU A 392 -21.64 8.98 -22.68
CA LEU A 392 -22.51 10.12 -22.86
C LEU A 392 -22.66 10.82 -21.50
N THR A 393 -22.39 12.13 -21.45
CA THR A 393 -22.49 12.87 -20.19
C THR A 393 -22.93 14.33 -20.34
N THR A 394 -23.17 14.98 -19.21
CA THR A 394 -23.59 16.38 -19.16
C THR A 394 -22.45 17.30 -19.61
N ALA A 395 -22.80 18.34 -20.36
CA ALA A 395 -21.81 19.30 -20.88
C ALA A 395 -22.14 20.71 -20.42
N ASN A 396 -21.11 21.55 -20.30
CA ASN A 396 -21.30 22.92 -19.81
C ASN A 396 -22.11 23.87 -20.73
N ASN A 397 -22.61 23.35 -21.86
CA ASN A 397 -23.45 24.16 -22.72
C ASN A 397 -24.92 23.91 -22.38
N GLY A 398 -25.17 23.14 -21.33
CA GLY A 398 -26.53 22.79 -20.94
C GLY A 398 -27.06 21.55 -21.64
N ARG A 399 -26.27 20.97 -22.53
N ARG A 399 -26.26 21.00 -22.54
CA ARG A 399 -26.68 19.75 -23.23
CA ARG A 399 -26.61 19.82 -23.33
C ARG A 399 -25.75 18.58 -22.87
C ARG A 399 -25.74 18.62 -22.90
N TYR A 400 -25.37 17.76 -23.85
CA TYR A 400 -24.59 16.56 -23.60
C TYR A 400 -23.40 16.39 -24.54
N ILE A 401 -22.47 15.55 -24.13
CA ILE A 401 -21.24 15.33 -24.91
C ILE A 401 -20.78 13.89 -24.77
N TYR A 402 -20.15 13.35 -25.83
CA TYR A 402 -19.60 12.02 -25.82
C TYR A 402 -18.10 12.16 -25.59
N GLN A 403 -17.58 11.47 -24.58
CA GLN A 403 -16.14 11.48 -24.26
C GLN A 403 -15.69 10.14 -23.66
N ALA A 404 -14.40 10.05 -23.35
CA ALA A 404 -13.87 8.85 -22.77
C ALA A 404 -12.65 9.22 -21.95
N GLY A 405 -12.41 8.48 -20.87
CA GLY A 405 -11.25 8.71 -20.03
C GLY A 405 -11.42 8.13 -18.64
N THR A 406 -10.31 7.96 -17.93
CA THR A 406 -10.38 7.50 -16.56
C THR A 406 -11.19 8.51 -15.70
N ALA A 407 -11.25 9.78 -16.13
CA ALA A 407 -11.98 10.81 -15.40
C ALA A 407 -13.49 10.56 -15.37
N LEU A 408 -13.97 9.75 -16.31
CA LEU A 408 -15.40 9.42 -16.38
C LEU A 408 -15.70 8.10 -15.68
N ALA A 409 -14.68 7.27 -15.44
CA ALA A 409 -14.86 6.01 -14.69
C ALA A 409 -14.89 6.29 -13.19
N THR A 410 -13.96 7.13 -12.75
CA THR A 410 -13.78 7.52 -11.34
C THR A 410 -15.09 7.96 -10.62
N PRO A 411 -15.87 8.90 -11.22
CA PRO A 411 -17.10 9.34 -10.57
C PRO A 411 -18.11 8.24 -10.38
N LYS A 412 -18.04 7.18 -11.20
CA LYS A 412 -18.98 6.06 -11.03
C LYS A 412 -18.68 5.36 -9.69
N VAL A 413 -17.40 5.24 -9.36
CA VAL A 413 -16.98 4.64 -8.10
C VAL A 413 -17.34 5.56 -6.89
N SER A 414 -17.11 6.87 -7.04
CA SER A 414 -17.46 7.82 -6.01
C SER A 414 -19.00 7.74 -5.74
N GLY A 415 -19.77 7.73 -6.80
CA GLY A 415 -21.22 7.60 -6.65
C GLY A 415 -21.58 6.32 -5.92
N ALA A 416 -20.93 5.20 -6.31
CA ALA A 416 -21.17 3.90 -5.70
C ALA A 416 -20.88 3.94 -4.19
N LEU A 417 -19.75 4.57 -3.80
CA LEU A 417 -19.41 4.70 -2.38
C LEU A 417 -20.48 5.47 -1.59
N ALA A 418 -21.02 6.54 -2.18
CA ALA A 418 -22.07 7.31 -1.52
C ALA A 418 -23.29 6.44 -1.36
N LEU A 419 -23.61 5.64 -2.38
CA LEU A 419 -24.76 4.75 -2.25
C LEU A 419 -24.54 3.71 -1.13
N ILE A 420 -23.33 3.16 -1.05
CA ILE A 420 -22.97 2.14 -0.05
C ILE A 420 -23.09 2.70 1.35
N ILE A 421 -22.49 3.87 1.57
CA ILE A 421 -22.58 4.50 2.85
C ILE A 421 -24.03 4.69 3.31
N ASP A 422 -24.88 5.18 2.41
CA ASP A 422 -26.29 5.43 2.71
C ASP A 422 -27.13 4.16 2.86
N LYS A 423 -26.87 3.13 2.05
CA LYS A 423 -27.64 1.88 2.09
C LYS A 423 -27.37 1.08 3.37
N TYR A 424 -26.11 1.06 3.77
CA TYR A 424 -25.65 0.26 4.93
C TYR A 424 -25.34 1.07 6.20
N HIS A 425 -25.58 2.38 6.15
CA HIS A 425 -25.40 3.30 7.28
C HIS A 425 -24.00 3.22 7.82
N LEU A 426 -23.03 3.45 6.95
CA LEU A 426 -21.64 3.32 7.32
C LEU A 426 -20.92 4.63 7.49
N GLU A 427 -21.66 5.69 7.83
CA GLU A 427 -21.08 7.03 7.99
C GLU A 427 -19.95 7.09 8.99
N LYS A 428 -20.07 6.31 10.06
CA LYS A 428 -19.07 6.29 11.10
C LYS A 428 -17.90 5.36 10.81
N HIS A 429 -18.02 4.55 9.76
CA HIS A 429 -16.99 3.60 9.40
C HIS A 429 -16.72 3.55 7.90
N PRO A 430 -16.17 4.64 7.34
CA PRO A 430 -15.90 4.70 5.91
C PRO A 430 -15.05 3.55 5.38
N ASP A 431 -14.08 3.06 6.16
CA ASP A 431 -13.27 1.91 5.70
C ASP A 431 -14.17 0.70 5.38
N LYS A 432 -15.26 0.53 6.14
CA LYS A 432 -16.18 -0.58 5.87
C LYS A 432 -16.90 -0.39 4.53
N ALA A 433 -17.11 0.87 4.13
CA ALA A 433 -17.73 1.14 2.84
C ALA A 433 -16.76 0.77 1.72
N ILE A 434 -15.49 1.06 1.91
CA ILE A 434 -14.48 0.70 0.91
C ILE A 434 -14.39 -0.83 0.82
N GLU A 435 -14.34 -1.49 1.96
CA GLU A 435 -14.29 -2.97 2.02
C GLU A 435 -15.49 -3.59 1.31
N LEU A 436 -16.67 -3.03 1.54
CA LEU A 436 -17.90 -3.52 0.89
C LEU A 436 -17.82 -3.29 -0.63
N LEU A 437 -17.38 -2.10 -1.04
CA LEU A 437 -17.18 -1.80 -2.46
C LEU A 437 -16.30 -2.89 -3.11
N TYR A 438 -15.17 -3.19 -2.48
CA TYR A 438 -14.28 -4.18 -3.06
C TYR A 438 -14.80 -5.61 -3.02
N GLN A 439 -15.45 -5.99 -1.92
CA GLN A 439 -15.92 -7.36 -1.76
C GLN A 439 -17.25 -7.63 -2.47
N HIS A 440 -18.19 -6.69 -2.36
CA HIS A 440 -19.54 -6.86 -2.93
C HIS A 440 -19.90 -5.91 -4.06
N GLY A 441 -19.04 -4.95 -4.33
CA GLY A 441 -19.29 -3.94 -5.35
C GLY A 441 -18.50 -4.08 -6.62
N THR A 442 -17.99 -5.30 -6.87
CA THR A 442 -17.20 -5.67 -8.02
C THR A 442 -17.68 -7.01 -8.57
N SER A 443 -17.69 -7.16 -9.88
CA SER A 443 -18.12 -8.42 -10.47
C SER A 443 -16.94 -9.38 -10.35
N LYS A 444 -17.26 -10.66 -10.21
N LYS A 444 -17.18 -10.66 -10.14
CA LYS A 444 -16.29 -11.71 -10.05
CA LYS A 444 -16.05 -11.59 -9.98
C LYS A 444 -16.12 -12.42 -11.37
C LYS A 444 -15.93 -12.48 -11.22
N ASN A 445 -15.19 -11.96 -12.20
CA ASN A 445 -14.95 -12.60 -13.50
C ASN A 445 -13.49 -12.96 -13.68
N ASN A 446 -12.80 -13.15 -12.56
CA ASN A 446 -11.36 -13.48 -12.53
C ASN A 446 -10.44 -12.57 -13.39
N LYS A 447 -10.73 -11.28 -13.39
CA LYS A 447 -9.90 -10.31 -14.12
C LYS A 447 -8.61 -10.17 -13.34
N PRO A 448 -7.46 -10.08 -14.03
CA PRO A 448 -6.22 -9.95 -13.28
C PRO A 448 -6.19 -8.69 -12.42
N PHE A 449 -5.78 -8.88 -11.18
CA PHE A 449 -5.73 -7.82 -10.21
C PHE A 449 -4.79 -6.66 -10.61
N SER A 450 -3.72 -7.01 -11.32
N SER A 450 -3.69 -6.97 -11.29
CA SER A 450 -2.72 -6.01 -11.78
CA SER A 450 -2.76 -5.93 -11.70
C SER A 450 -3.32 -5.00 -12.75
C SER A 450 -3.40 -4.92 -12.67
N ARG A 451 -4.43 -5.36 -13.40
CA ARG A 451 -5.09 -4.47 -14.38
C ARG A 451 -6.45 -3.93 -13.93
N TYR A 452 -7.20 -4.73 -13.17
CA TYR A 452 -8.54 -4.39 -12.73
C TYR A 452 -8.72 -4.29 -11.22
N GLY A 453 -7.67 -4.51 -10.45
CA GLY A 453 -7.78 -4.46 -9.01
C GLY A 453 -8.80 -5.51 -8.56
N HIS A 454 -9.68 -5.13 -7.64
CA HIS A 454 -10.70 -6.02 -7.09
C HIS A 454 -11.76 -6.42 -8.13
N GLY A 455 -11.79 -5.75 -9.28
CA GLY A 455 -12.73 -6.11 -10.35
C GLY A 455 -13.46 -4.90 -10.93
N GLU A 456 -14.38 -5.15 -11.85
CA GLU A 456 -15.15 -4.07 -12.46
C GLU A 456 -16.31 -3.76 -11.53
N LEU A 457 -16.57 -2.47 -11.36
CA LEU A 457 -17.64 -1.94 -10.53
C LEU A 457 -18.99 -2.60 -10.85
N ASP A 458 -19.72 -2.98 -9.81
CA ASP A 458 -21.04 -3.57 -9.94
C ASP A 458 -21.93 -3.00 -8.84
N VAL A 459 -22.71 -1.98 -9.22
CA VAL A 459 -23.62 -1.27 -8.31
C VAL A 459 -24.80 -2.15 -7.87
N TYR A 460 -25.35 -2.94 -8.80
CA TYR A 460 -26.44 -3.84 -8.43
C TYR A 460 -25.98 -4.79 -7.32
N LYS A 461 -24.79 -5.37 -7.46
CA LYS A 461 -24.33 -6.29 -6.43
C LYS A 461 -24.13 -5.55 -5.10
N ALA A 462 -23.53 -4.38 -5.17
CA ALA A 462 -23.24 -3.58 -3.99
C ALA A 462 -24.49 -3.24 -3.21
N LEU A 463 -25.61 -3.03 -3.89
CA LEU A 463 -26.86 -2.69 -3.22
C LEU A 463 -27.72 -3.86 -2.83
N ASN A 464 -27.27 -5.07 -3.07
CA ASN A 464 -28.06 -6.26 -2.78
C ASN A 464 -27.40 -7.27 -1.87
N VAL A 465 -26.50 -6.81 -1.01
CA VAL A 465 -25.82 -7.70 -0.09
C VAL A 465 -26.86 -8.47 0.78
N ALA A 466 -27.91 -7.79 1.24
CA ALA A 466 -28.97 -8.47 2.00
C ALA A 466 -29.52 -9.70 1.24
N ASN A 467 -29.53 -9.63 -0.10
CA ASN A 467 -30.00 -10.74 -0.95
C ASN A 467 -28.99 -11.91 -1.05
N GLN A 468 -29.32 -13.02 -0.41
CA GLN A 468 -28.47 -14.22 -0.40
C GLN A 468 -29.27 -15.47 -0.03
N SER B 42 27.41 5.89 36.10
CA SER B 42 26.15 5.17 35.74
C SER B 42 26.44 3.96 34.86
N GLU B 43 25.52 2.99 34.86
N GLU B 43 25.50 3.01 34.86
CA GLU B 43 25.70 1.79 34.08
CA GLU B 43 25.65 1.80 34.06
C GLU B 43 25.45 2.11 32.60
C GLU B 43 25.46 2.14 32.59
N GLU B 44 26.12 1.37 31.72
CA GLU B 44 26.01 1.57 30.29
C GLU B 44 24.76 0.86 29.76
N LEU B 45 24.14 1.44 28.73
CA LEU B 45 22.96 0.87 28.09
C LEU B 45 23.24 0.65 26.60
N TYR B 46 22.41 -0.15 25.95
CA TYR B 46 22.55 -0.44 24.51
C TYR B 46 21.79 0.58 23.67
N TYR B 47 22.50 1.20 22.71
CA TYR B 47 21.89 2.20 21.83
C TYR B 47 22.02 1.88 20.35
N SER B 48 20.91 2.07 19.64
CA SER B 48 20.88 1.85 18.20
C SER B 48 21.21 3.20 17.55
N VAL B 49 22.19 3.21 16.65
CA VAL B 49 22.61 4.44 16.01
C VAL B 49 22.73 4.37 14.49
N GLU B 50 22.07 5.30 13.81
CA GLU B 50 22.19 5.37 12.36
C GLU B 50 23.19 6.47 12.06
N TYR B 51 24.28 6.11 11.39
CA TYR B 51 25.32 7.06 11.03
C TYR B 51 25.18 7.47 9.56
N LYS B 52 26.04 8.38 9.11
CA LYS B 52 25.99 8.88 7.74
C LYS B 52 27.13 8.43 6.83
N ASN B 53 28.22 7.93 7.39
CA ASN B 53 29.36 7.51 6.59
C ASN B 53 30.29 6.53 7.33
N THR B 54 30.60 5.40 6.70
CA THR B 54 31.47 4.39 7.30
C THR B 54 32.82 4.98 7.73
N ALA B 55 33.54 5.54 6.77
CA ALA B 55 34.85 6.13 7.01
C ALA B 55 34.82 7.17 8.14
N THR B 56 33.74 7.96 8.19
CA THR B 56 33.57 8.99 9.21
C THR B 56 33.26 8.37 10.56
N PHE B 57 32.17 7.61 10.61
CA PHE B 57 31.75 6.94 11.83
C PHE B 57 32.91 6.18 12.47
N ASN B 58 33.75 5.53 11.64
CA ASN B 58 34.91 4.77 12.14
C ASN B 58 35.95 5.59 12.89
N LYS B 59 36.14 6.84 12.49
CA LYS B 59 37.12 7.68 13.17
C LYS B 59 36.50 8.33 14.40
N LEU B 60 35.18 8.52 14.35
CA LEU B 60 34.45 9.09 15.47
C LEU B 60 34.44 8.06 16.59
N VAL B 61 34.34 6.78 16.21
CA VAL B 61 34.35 5.68 17.18
C VAL B 61 35.72 5.59 17.87
N LYS B 62 36.79 5.68 17.09
CA LYS B 62 38.15 5.60 17.66
C LYS B 62 38.45 6.81 18.55
N LYS B 63 38.14 8.01 18.04
CA LYS B 63 38.40 9.24 18.79
C LYS B 63 37.67 9.30 20.13
N LYS B 64 36.49 8.70 20.21
CA LYS B 64 35.75 8.67 21.47
C LYS B 64 35.78 7.30 22.15
N SER B 65 36.54 6.37 21.58
CA SER B 65 36.63 5.02 22.12
C SER B 65 35.23 4.42 22.30
N LEU B 66 34.34 4.67 21.33
CA LEU B 66 32.98 4.14 21.41
C LEU B 66 33.02 2.62 21.29
N ASN B 67 32.26 1.95 22.16
CA ASN B 67 32.18 0.50 22.18
C ASN B 67 31.04 0.01 21.27
N VAL B 68 31.38 -0.36 20.04
CA VAL B 68 30.41 -0.85 19.07
C VAL B 68 30.27 -2.37 19.21
N VAL B 69 29.07 -2.82 19.54
CA VAL B 69 28.80 -4.24 19.74
C VAL B 69 28.08 -4.93 18.57
N TYR B 70 27.65 -4.16 17.57
CA TYR B 70 26.98 -4.73 16.40
C TYR B 70 27.01 -3.69 15.31
N ASN B 71 27.18 -4.12 14.07
CA ASN B 71 27.24 -3.21 12.95
C ASN B 71 26.66 -3.81 11.67
N ILE B 72 26.03 -2.96 10.86
CA ILE B 72 25.49 -3.37 9.56
C ILE B 72 25.97 -2.30 8.56
N PRO B 73 27.17 -2.47 7.98
CA PRO B 73 27.73 -1.48 7.05
C PRO B 73 26.80 -1.09 5.89
N GLU B 74 26.12 -2.07 5.29
CA GLU B 74 25.23 -1.79 4.15
C GLU B 74 24.10 -0.82 4.49
N LEU B 75 23.72 -0.76 5.76
CA LEU B 75 22.61 0.08 6.18
C LEU B 75 23.02 1.27 7.02
N HIS B 76 24.34 1.47 7.18
CA HIS B 76 24.88 2.58 7.98
C HIS B 76 24.25 2.63 9.38
N VAL B 77 24.11 1.46 10.00
CA VAL B 77 23.53 1.37 11.34
C VAL B 77 24.43 0.51 12.22
N ALA B 78 24.57 0.93 13.48
CA ALA B 78 25.39 0.22 14.46
C ALA B 78 24.71 0.26 15.83
N GLN B 79 25.16 -0.60 16.74
CA GLN B 79 24.65 -0.62 18.12
C GLN B 79 25.83 -0.30 19.03
N ILE B 80 25.63 0.66 19.93
CA ILE B 80 26.69 1.09 20.83
C ILE B 80 26.28 1.00 22.29
N LYS B 81 27.18 0.49 23.11
CA LYS B 81 26.96 0.37 24.53
C LYS B 81 27.61 1.60 25.16
N MET B 82 26.80 2.43 25.82
CA MET B 82 27.29 3.66 26.46
C MET B 82 26.31 4.20 27.49
N THR B 83 26.78 5.14 28.31
CA THR B 83 25.94 5.75 29.34
C THR B 83 24.95 6.69 28.65
N LYS B 84 23.84 6.94 29.35
CA LYS B 84 22.80 7.80 28.82
C LYS B 84 23.36 9.21 28.62
N MET B 85 24.27 9.60 29.51
CA MET B 85 24.88 10.90 29.40
C MET B 85 25.64 10.94 28.08
N HIS B 86 26.47 9.92 27.83
CA HIS B 86 27.28 9.87 26.58
C HIS B 86 26.44 9.72 25.31
N ALA B 87 25.30 9.03 25.38
CA ALA B 87 24.45 8.88 24.20
C ALA B 87 23.90 10.23 23.78
N ASN B 88 23.46 11.05 24.75
CA ASN B 88 22.93 12.39 24.45
C ASN B 88 24.02 13.31 23.88
N ALA B 89 25.24 13.16 24.37
CA ALA B 89 26.38 13.96 23.90
C ALA B 89 26.73 13.56 22.46
N LEU B 90 26.51 12.30 22.12
CA LEU B 90 26.83 11.82 20.79
C LEU B 90 25.85 12.36 19.75
N ALA B 91 24.63 12.68 20.19
CA ALA B 91 23.59 13.21 19.29
C ALA B 91 23.94 14.59 18.74
N ASN B 92 24.90 15.27 19.36
CA ASN B 92 25.33 16.60 18.91
C ASN B 92 26.15 16.60 17.61
N TYR B 93 26.68 15.44 17.21
CA TYR B 93 27.49 15.35 15.98
C TYR B 93 26.66 15.16 14.74
N LYS B 94 26.02 16.24 14.30
CA LYS B 94 25.14 16.20 13.13
C LYS B 94 25.85 15.79 11.83
N ASN B 95 27.18 15.97 11.77
CA ASN B 95 27.94 15.58 10.59
C ASN B 95 28.10 14.06 10.46
N ASP B 96 28.17 13.38 11.59
CA ASP B 96 28.38 11.93 11.60
C ASP B 96 27.15 11.10 11.97
N ILE B 97 26.33 11.59 12.90
CA ILE B 97 25.17 10.86 13.38
C ILE B 97 23.84 11.40 12.87
N LYS B 98 22.97 10.50 12.44
CA LYS B 98 21.67 10.88 11.89
C LYS B 98 20.58 10.71 12.96
N TYR B 99 20.52 9.54 13.58
CA TYR B 99 19.53 9.25 14.63
C TYR B 99 20.09 8.34 15.70
N ILE B 100 19.55 8.48 16.92
CA ILE B 100 19.94 7.65 18.06
C ILE B 100 18.75 7.35 18.95
N ASN B 101 18.62 6.09 19.37
CA ASN B 101 17.57 5.72 20.32
C ASN B 101 18.02 4.50 21.11
N ALA B 102 17.51 4.36 22.34
CA ALA B 102 17.82 3.21 23.16
C ALA B 102 17.24 2.01 22.43
N THR B 103 17.97 0.90 22.42
CA THR B 103 17.52 -0.32 21.74
C THR B 103 16.41 -0.97 22.55
N CYS B 104 15.25 -1.19 21.92
CA CYS B 104 14.10 -1.80 22.58
C CYS B 104 14.39 -3.25 22.95
N SER B 105 13.82 -3.70 24.07
CA SER B 105 13.94 -5.10 24.49
C SER B 105 12.57 -5.70 24.76
N THR B 106 11.54 -4.88 24.63
CA THR B 106 10.15 -5.28 24.84
C THR B 106 9.34 -5.15 23.55
N CYS B 107 10.05 -4.99 22.43
CA CYS B 107 9.42 -4.83 21.12
C CYS B 107 9.12 -6.15 20.39
N ILE B 108 10.02 -7.13 20.49
CA ILE B 108 9.82 -8.42 19.81
C ILE B 108 8.85 -9.32 20.55
N THR B 109 7.90 -9.91 19.82
CA THR B 109 6.91 -10.81 20.41
C THR B 109 7.55 -12.21 20.55
N SER B 110 7.60 -12.70 21.79
CA SER B 110 8.19 -14.01 22.09
C SER B 110 7.37 -15.19 21.55
N GLU B 111 7.86 -15.79 20.47
CA GLU B 111 7.24 -16.95 19.80
C GLU B 111 7.01 -18.13 20.76
N LYS B 112 6.03 -18.99 20.42
CA LYS B 112 5.66 -20.14 21.27
C LYS B 112 6.09 -21.50 20.69
N THR B 113 6.67 -22.35 21.54
CA THR B 113 7.11 -23.69 21.14
C THR B 113 6.90 -24.73 22.26
N ILE B 114 5.97 -24.48 23.17
CA ILE B 114 5.73 -25.40 24.29
C ILE B 114 5.21 -26.76 23.81
N GLU B 120 3.67 -34.92 23.42
CA GLU B 120 3.05 -35.98 22.63
C GLU B 120 4.11 -36.84 21.95
N SER B 121 3.66 -37.86 21.21
CA SER B 121 4.57 -38.76 20.47
C SER B 121 3.84 -39.66 19.44
N LEU B 122 2.95 -39.07 18.65
CA LEU B 122 2.21 -39.79 17.61
C LEU B 122 2.33 -39.04 16.27
N PHE B 123 2.34 -39.79 15.16
CA PHE B 123 2.51 -39.18 13.84
C PHE B 123 1.27 -39.25 12.93
N SER B 124 0.49 -38.15 12.86
CA SER B 124 -0.71 -38.10 12.02
C SER B 124 -0.43 -37.51 10.61
N ARG B 125 -1.47 -37.30 9.81
CA ARG B 125 -1.32 -36.78 8.44
C ARG B 125 -1.38 -35.26 8.36
N GLN B 126 -0.77 -34.72 7.30
CA GLN B 126 -0.69 -33.29 7.13
C GLN B 126 -1.89 -32.69 6.38
N TRP B 127 -2.99 -32.51 7.12
CA TRP B 127 -4.20 -31.93 6.55
C TRP B 127 -3.96 -30.55 5.94
N ASP B 128 -2.97 -29.85 6.48
CA ASP B 128 -2.62 -28.49 6.07
C ASP B 128 -1.95 -28.48 4.73
N MET B 129 -1.12 -29.48 4.46
CA MET B 129 -0.51 -29.60 3.17
C MET B 129 -1.57 -30.08 2.18
N ASN B 130 -2.44 -31.00 2.60
CA ASN B 130 -3.50 -31.51 1.69
C ASN B 130 -4.41 -30.40 1.17
N LYS B 131 -4.66 -29.41 2.03
CA LYS B 131 -5.52 -28.28 1.68
C LYS B 131 -4.95 -27.40 0.56
N ILE B 132 -3.63 -27.31 0.46
CA ILE B 132 -3.01 -26.46 -0.54
C ILE B 132 -2.43 -27.19 -1.77
N THR B 133 -2.35 -28.52 -1.71
CA THR B 133 -1.78 -29.33 -2.80
C THR B 133 -2.81 -30.16 -3.55
N ASN B 134 -4.09 -29.88 -3.30
N ASN B 134 -4.10 -29.87 -3.36
CA ASN B 134 -5.16 -30.62 -3.89
CA ASN B 134 -5.17 -30.69 -3.92
C ASN B 134 -5.02 -32.10 -3.48
C ASN B 134 -5.02 -32.13 -3.48
N ASN B 135 -4.92 -32.32 -2.17
CA ASN B 135 -4.80 -33.64 -1.59
C ASN B 135 -3.62 -34.41 -2.13
N GLY B 136 -2.49 -33.72 -2.25
CA GLY B 136 -1.26 -34.32 -2.71
C GLY B 136 -1.06 -34.35 -4.22
N ALA B 137 -2.09 -34.02 -4.99
CA ALA B 137 -1.94 -34.08 -6.46
C ALA B 137 -0.87 -33.15 -7.03
N SER B 138 -0.57 -32.04 -6.38
CA SER B 138 0.44 -31.11 -6.90
C SER B 138 1.86 -31.64 -6.81
N TYR B 139 2.09 -32.66 -5.98
CA TYR B 139 3.45 -33.20 -5.89
C TYR B 139 3.95 -33.75 -7.24
N ASP B 140 3.03 -34.12 -8.11
CA ASP B 140 3.38 -34.58 -9.45
C ASP B 140 3.77 -33.46 -10.39
N ASP B 141 3.48 -32.21 -10.00
CA ASP B 141 3.78 -31.05 -10.84
C ASP B 141 4.97 -30.23 -10.39
N LEU B 142 5.75 -30.73 -9.43
CA LEU B 142 6.91 -30.00 -8.95
C LEU B 142 7.91 -29.78 -10.08
N PRO B 143 8.57 -28.63 -10.07
CA PRO B 143 9.58 -28.35 -11.09
C PRO B 143 10.71 -29.37 -11.05
N LYS B 144 11.20 -29.80 -12.22
CA LYS B 144 12.31 -30.74 -12.25
C LYS B 144 13.59 -30.12 -11.68
N HIS B 145 13.86 -28.85 -12.02
CA HIS B 145 15.07 -28.14 -11.54
C HIS B 145 14.72 -27.16 -10.41
N ALA B 146 14.91 -27.62 -9.18
CA ALA B 146 14.58 -26.84 -7.99
C ALA B 146 15.79 -26.00 -7.57
N ASN B 147 16.06 -24.95 -8.34
CA ASN B 147 17.24 -24.10 -8.11
C ASN B 147 17.08 -23.01 -7.07
N THR B 148 15.85 -22.55 -6.83
CA THR B 148 15.64 -21.47 -5.88
C THR B 148 16.05 -21.86 -4.47
N LYS B 149 16.74 -20.94 -3.80
CA LYS B 149 17.21 -21.13 -2.42
C LYS B 149 16.33 -20.31 -1.50
N ILE B 150 15.80 -20.96 -0.47
CA ILE B 150 14.91 -20.32 0.48
C ILE B 150 15.67 -20.00 1.76
N ALA B 151 15.73 -18.73 2.09
CA ALA B 151 16.37 -18.29 3.31
C ALA B 151 15.33 -18.26 4.40
N ILE B 152 15.71 -18.70 5.59
CA ILE B 152 14.84 -18.68 6.76
C ILE B 152 15.58 -17.95 7.88
N ILE B 153 14.99 -16.87 8.37
CA ILE B 153 15.60 -16.06 9.43
C ILE B 153 14.85 -16.45 10.69
N ASP B 154 15.52 -17.18 11.58
CA ASP B 154 14.78 -17.70 12.73
C ASP B 154 15.71 -18.16 13.85
N THR B 155 15.26 -19.08 14.70
CA THR B 155 16.07 -19.50 15.86
C THR B 155 17.20 -20.50 15.60
N GLY B 156 17.30 -21.01 14.38
CA GLY B 156 18.32 -21.99 14.04
C GLY B 156 17.60 -23.21 13.53
N VAL B 157 18.33 -24.28 13.27
CA VAL B 157 17.69 -25.49 12.77
C VAL B 157 18.48 -26.72 13.16
N MET B 158 17.75 -27.81 13.38
CA MET B 158 18.39 -29.09 13.68
C MET B 158 18.81 -29.61 12.31
N LYS B 159 20.03 -29.27 11.90
CA LYS B 159 20.51 -29.64 10.56
C LYS B 159 20.56 -31.13 10.26
N ASN B 160 20.62 -31.95 11.30
CA ASN B 160 20.69 -33.41 11.12
C ASN B 160 19.37 -34.14 11.27
N HIS B 161 18.27 -33.39 11.29
CA HIS B 161 16.96 -34.00 11.37
C HIS B 161 16.80 -34.84 10.09
N ASP B 162 16.36 -36.09 10.23
CA ASP B 162 16.18 -36.98 9.07
C ASP B 162 15.43 -36.34 7.90
N ASP B 163 14.40 -35.55 8.19
CA ASP B 163 13.61 -34.91 7.15
C ASP B 163 14.19 -33.62 6.55
N LEU B 164 15.17 -33.02 7.24
CA LEU B 164 15.76 -31.76 6.79
C LEU B 164 17.21 -31.82 6.32
N LYS B 165 17.92 -32.88 6.68
CA LYS B 165 19.34 -32.93 6.36
C LYS B 165 19.71 -32.78 4.89
N ASN B 166 18.95 -33.41 3.99
N ASN B 166 18.97 -33.41 3.99
CA ASN B 166 19.25 -33.35 2.55
CA ASN B 166 19.28 -33.35 2.56
C ASN B 166 19.09 -31.95 1.95
C ASN B 166 19.09 -31.95 1.93
N ASN B 167 18.11 -31.19 2.41
CA ASN B 167 17.86 -29.84 1.89
C ASN B 167 18.64 -28.74 2.61
N PHE B 168 19.23 -29.04 3.77
CA PHE B 168 20.00 -28.04 4.53
C PHE B 168 21.21 -27.54 3.76
N SER B 169 21.36 -26.21 3.67
CA SER B 169 22.50 -25.63 2.96
C SER B 169 23.61 -25.25 3.94
N THR B 170 24.86 -25.60 3.59
CA THR B 170 26.01 -25.24 4.42
C THR B 170 26.34 -23.74 4.36
N ASP B 171 25.57 -22.98 3.58
CA ASP B 171 25.73 -21.53 3.50
C ASP B 171 25.07 -20.89 4.70
N SER B 172 24.30 -21.67 5.47
CA SER B 172 23.62 -21.19 6.66
C SER B 172 24.60 -20.46 7.56
N LYS B 173 24.18 -19.35 8.15
CA LYS B 173 25.06 -18.55 9.00
C LYS B 173 24.39 -18.09 10.28
N ASN B 174 25.26 -17.82 11.25
CA ASN B 174 24.87 -17.36 12.57
C ASN B 174 25.06 -15.86 12.65
N LEU B 175 23.98 -15.12 12.90
CA LEU B 175 24.07 -13.66 13.04
C LEU B 175 24.08 -13.21 14.50
N VAL B 176 24.04 -14.16 15.43
CA VAL B 176 24.04 -13.85 16.86
C VAL B 176 25.47 -13.48 17.26
N PRO B 177 25.64 -12.30 17.86
CA PRO B 177 27.00 -11.89 18.21
C PRO B 177 27.51 -12.58 19.46
N LEU B 178 28.82 -12.46 19.66
CA LEU B 178 29.49 -12.99 20.83
C LEU B 178 28.76 -12.49 22.07
N ASN B 179 28.52 -13.40 23.02
CA ASN B 179 27.81 -13.07 24.27
C ASN B 179 26.29 -12.84 24.14
N GLY B 180 25.75 -13.05 22.94
CA GLY B 180 24.33 -12.95 22.69
C GLY B 180 23.59 -11.68 23.07
N PHE B 181 22.34 -11.86 23.50
CA PHE B 181 21.45 -10.75 23.83
C PHE B 181 21.89 -9.91 25.01
N ARG B 182 22.19 -8.65 24.72
CA ARG B 182 22.65 -7.67 25.71
C ARG B 182 23.85 -8.20 26.48
N GLY B 183 24.63 -9.06 25.83
CA GLY B 183 25.83 -9.64 26.45
C GLY B 183 25.53 -10.58 27.61
N THR B 184 24.29 -11.08 27.71
CA THR B 184 23.92 -11.96 28.81
C THR B 184 24.00 -13.47 28.53
N GLU B 185 24.55 -13.84 27.37
CA GLU B 185 24.67 -15.25 27.00
C GLU B 185 26.15 -15.61 26.78
N PRO B 186 26.89 -15.88 27.86
CA PRO B 186 28.33 -16.18 27.69
C PRO B 186 28.63 -17.41 26.80
N GLU B 187 27.64 -18.28 26.66
CA GLU B 187 27.76 -19.50 25.84
C GLU B 187 27.74 -19.22 24.32
N GLU B 188 27.28 -18.02 23.92
CA GLU B 188 27.26 -17.62 22.51
C GLU B 188 28.65 -17.11 22.12
N THR B 189 29.37 -17.94 21.37
CA THR B 189 30.75 -17.69 20.96
C THR B 189 30.95 -16.82 19.70
N GLY B 190 29.88 -16.57 18.95
CA GLY B 190 29.98 -15.77 17.72
C GLY B 190 30.44 -16.58 16.51
N ASP B 191 30.41 -17.91 16.65
CA ASP B 191 30.81 -18.83 15.59
C ASP B 191 29.84 -18.71 14.40
N VAL B 192 30.32 -18.12 13.30
CA VAL B 192 29.49 -17.90 12.12
C VAL B 192 28.79 -19.15 11.58
N HIS B 193 29.35 -20.34 11.81
CA HIS B 193 28.75 -21.58 11.30
C HIS B 193 27.75 -22.27 12.24
N ASP B 194 27.67 -21.81 13.49
CA ASP B 194 26.79 -22.42 14.48
C ASP B 194 25.32 -21.99 14.33
N VAL B 195 24.54 -22.81 13.62
CA VAL B 195 23.12 -22.51 13.43
C VAL B 195 22.22 -23.53 14.17
N ASN B 196 22.76 -24.15 15.22
N ASN B 196 22.78 -24.16 15.21
CA ASN B 196 22.01 -25.13 15.98
CA ASN B 196 22.03 -25.13 16.01
C ASN B 196 20.80 -24.42 16.63
C ASN B 196 20.80 -24.42 16.63
N ASP B 197 19.66 -25.09 16.63
CA ASP B 197 18.43 -24.53 17.17
C ASP B 197 18.25 -24.76 18.68
N ARG B 198 18.48 -23.71 19.46
CA ARG B 198 18.30 -23.81 20.91
C ARG B 198 16.82 -23.78 21.31
N LYS B 199 16.04 -22.91 20.68
CA LYS B 199 14.63 -22.71 21.06
C LYS B 199 13.63 -23.69 20.43
N GLY B 200 13.91 -24.15 19.21
CA GLY B 200 13.04 -25.10 18.54
C GLY B 200 12.15 -24.54 17.45
N HIS B 201 12.00 -23.22 17.39
CA HIS B 201 11.11 -22.58 16.42
C HIS B 201 11.59 -22.70 14.97
N GLY B 202 12.86 -22.40 14.73
CA GLY B 202 13.42 -22.48 13.39
C GLY B 202 13.27 -23.85 12.76
N THR B 203 13.41 -24.90 13.58
CA THR B 203 13.26 -26.26 13.08
C THR B 203 11.80 -26.51 12.64
N MET B 204 10.83 -25.96 13.36
CA MET B 204 9.43 -26.13 12.97
C MET B 204 9.13 -25.44 11.64
N VAL B 205 9.68 -24.24 11.47
CA VAL B 205 9.48 -23.45 10.25
C VAL B 205 10.14 -24.13 9.03
N SER B 206 11.37 -24.61 9.22
CA SER B 206 12.13 -25.29 8.15
C SER B 206 11.41 -26.53 7.61
N GLY B 207 10.74 -27.25 8.50
CA GLY B 207 9.98 -28.41 8.09
C GLY B 207 8.86 -28.06 7.14
N GLN B 208 8.23 -26.91 7.34
CA GLN B 208 7.13 -26.45 6.49
C GLN B 208 7.62 -26.10 5.09
N THR B 209 8.80 -25.51 4.98
CA THR B 209 9.33 -25.21 3.67
C THR B 209 10.02 -26.40 3.02
N SER B 210 10.73 -27.19 3.81
CA SER B 210 11.66 -28.16 3.25
C SER B 210 11.72 -29.61 3.71
N ALA B 211 10.78 -30.07 4.52
CA ALA B 211 10.81 -31.45 4.97
C ALA B 211 10.66 -32.36 3.75
N ASN B 212 11.45 -33.43 3.71
CA ASN B 212 11.35 -34.40 2.63
C ASN B 212 11.69 -35.80 3.14
N GLY B 213 10.74 -36.40 3.86
CA GLY B 213 10.91 -37.74 4.42
C GLY B 213 9.58 -38.18 4.95
N LYS B 214 9.49 -38.38 6.27
CA LYS B 214 8.24 -38.76 6.91
C LYS B 214 7.26 -37.60 6.71
N LEU B 215 7.76 -36.38 6.87
N LEU B 215 7.72 -36.37 6.92
CA LEU B 215 7.00 -35.17 6.68
CA LEU B 215 6.89 -35.20 6.63
C LEU B 215 7.44 -34.62 5.32
C LEU B 215 7.42 -34.62 5.33
N ILE B 216 6.54 -33.97 4.60
CA ILE B 216 6.89 -33.37 3.32
C ILE B 216 6.50 -31.88 3.39
N GLY B 217 7.46 -31.00 3.15
CA GLY B 217 7.21 -29.56 3.16
C GLY B 217 6.60 -29.13 1.82
N VAL B 218 6.44 -27.81 1.63
CA VAL B 218 5.84 -27.31 0.40
C VAL B 218 6.78 -27.45 -0.79
N ALA B 219 8.08 -27.24 -0.55
CA ALA B 219 9.10 -27.29 -1.60
C ALA B 219 10.18 -28.29 -1.20
N PRO B 220 9.82 -29.59 -1.20
CA PRO B 220 10.69 -30.66 -0.73
C PRO B 220 11.99 -30.89 -1.48
N ASN B 221 12.14 -30.31 -2.68
CA ASN B 221 13.38 -30.46 -3.46
C ASN B 221 14.29 -29.23 -3.39
N ASN B 222 13.81 -28.14 -2.80
CA ASN B 222 14.62 -26.92 -2.71
C ASN B 222 15.49 -26.85 -1.46
N LYS B 223 16.70 -26.34 -1.64
CA LYS B 223 17.63 -26.14 -0.54
C LYS B 223 17.18 -24.93 0.29
N PHE B 224 17.39 -24.97 1.60
CA PHE B 224 17.06 -23.86 2.48
C PHE B 224 18.32 -23.43 3.22
N THR B 225 18.39 -22.15 3.53
CA THR B 225 19.53 -21.58 4.22
C THR B 225 19.02 -20.97 5.51
N MET B 226 19.56 -21.41 6.65
CA MET B 226 19.12 -20.87 7.95
C MET B 226 20.05 -19.76 8.39
N TYR B 227 19.45 -18.65 8.80
CA TYR B 227 20.18 -17.50 9.34
C TYR B 227 19.70 -17.39 10.78
N ARG B 228 20.55 -17.81 11.71
CA ARG B 228 20.19 -17.81 13.14
C ARG B 228 20.29 -16.45 13.77
N VAL B 229 19.17 -15.99 14.34
CA VAL B 229 19.12 -14.69 15.01
C VAL B 229 18.66 -14.79 16.47
N PHE B 230 18.67 -16.00 17.03
CA PHE B 230 18.34 -16.22 18.44
C PHE B 230 19.32 -17.20 19.07
N GLY B 231 19.62 -16.97 20.35
CA GLY B 231 20.43 -17.88 21.13
C GLY B 231 19.34 -18.62 21.89
N SER B 232 19.36 -18.48 23.22
CA SER B 232 18.35 -19.07 24.09
C SER B 232 17.43 -18.01 24.67
N LYS B 233 17.71 -16.74 24.42
CA LYS B 233 16.88 -15.65 24.95
C LYS B 233 16.16 -14.89 23.85
N LYS B 234 16.32 -13.56 23.80
CA LYS B 234 15.64 -12.76 22.79
C LYS B 234 16.54 -12.43 21.62
N THR B 235 15.94 -11.84 20.59
CA THR B 235 16.67 -11.40 19.40
C THR B 235 16.62 -9.87 19.37
N GLU B 236 17.36 -9.29 18.45
CA GLU B 236 17.38 -7.84 18.26
C GLU B 236 16.93 -7.60 16.82
N LEU B 237 16.05 -6.63 16.62
CA LEU B 237 15.65 -6.34 15.25
C LEU B 237 16.88 -5.98 14.39
N LEU B 238 17.95 -5.47 15.00
CA LEU B 238 19.15 -5.18 14.23
C LEU B 238 19.77 -6.47 13.68
N TRP B 239 19.72 -7.56 14.46
CA TRP B 239 20.26 -8.84 13.99
C TRP B 239 19.38 -9.37 12.85
N VAL B 240 18.07 -9.16 12.97
CA VAL B 240 17.15 -9.59 11.92
C VAL B 240 17.47 -8.82 10.64
N SER B 241 17.76 -7.53 10.80
CA SER B 241 18.08 -6.70 9.67
C SER B 241 19.35 -7.15 8.98
N LYS B 242 20.36 -7.49 9.77
CA LYS B 242 21.64 -7.94 9.22
C LYS B 242 21.49 -9.31 8.53
N ALA B 243 20.60 -10.13 9.05
CA ALA B 243 20.34 -11.46 8.46
C ALA B 243 19.68 -11.30 7.09
N ILE B 244 18.78 -10.31 6.95
CA ILE B 244 18.08 -10.07 5.68
C ILE B 244 19.12 -9.67 4.62
N VAL B 245 20.02 -8.75 4.98
CA VAL B 245 21.06 -8.31 4.06
C VAL B 245 21.96 -9.48 3.65
N GLN B 246 22.33 -10.32 4.59
CA GLN B 246 23.17 -11.48 4.28
C GLN B 246 22.43 -12.49 3.38
N ALA B 247 21.15 -12.74 3.66
CA ALA B 247 20.37 -13.67 2.88
C ALA B 247 20.29 -13.22 1.43
N ALA B 248 20.09 -11.92 1.20
CA ALA B 248 20.03 -11.38 -0.16
C ALA B 248 21.42 -11.48 -0.84
N ASN B 249 22.48 -11.20 -0.09
CA ASN B 249 23.85 -11.30 -0.61
C ASN B 249 24.25 -12.75 -0.95
N ASP B 250 23.71 -13.73 -0.21
CA ASP B 250 23.97 -15.15 -0.47
C ASP B 250 23.16 -15.73 -1.64
N GLY B 251 22.31 -14.90 -2.27
CA GLY B 251 21.55 -15.34 -3.43
C GLY B 251 20.29 -16.14 -3.17
N ASN B 252 19.66 -15.92 -2.02
CA ASN B 252 18.39 -16.57 -1.67
C ASN B 252 17.29 -15.65 -2.19
N GLN B 253 16.59 -16.07 -3.23
N GLN B 253 16.57 -16.10 -3.21
CA GLN B 253 15.52 -15.24 -3.80
CA GLN B 253 15.54 -15.27 -3.82
C GLN B 253 14.25 -15.16 -2.96
C GLN B 253 14.24 -15.19 -3.01
N VAL B 254 14.08 -16.07 -2.02
CA VAL B 254 12.90 -16.06 -1.13
C VAL B 254 13.45 -15.97 0.29
N ILE B 255 12.98 -15.00 1.05
CA ILE B 255 13.44 -14.79 2.43
C ILE B 255 12.23 -14.85 3.36
N ASN B 256 12.21 -15.86 4.23
CA ASN B 256 11.12 -16.12 5.15
C ASN B 256 11.39 -15.58 6.54
N ILE B 257 10.47 -14.75 7.04
CA ILE B 257 10.60 -14.15 8.38
C ILE B 257 9.32 -14.52 9.12
N SER B 258 9.40 -15.58 9.93
CA SER B 258 8.23 -16.07 10.66
C SER B 258 8.12 -15.42 12.03
N VAL B 259 8.93 -14.40 12.30
CA VAL B 259 8.89 -13.67 13.55
C VAL B 259 8.51 -12.19 13.26
N GLY B 260 7.92 -11.55 14.27
CA GLY B 260 7.48 -10.19 14.14
C GLY B 260 7.56 -9.47 15.46
N SER B 261 7.29 -8.17 15.42
CA SER B 261 7.34 -7.33 16.61
C SER B 261 6.48 -6.10 16.44
N TYR B 262 6.14 -5.48 17.56
CA TYR B 262 5.38 -4.24 17.58
C TYR B 262 6.40 -3.15 17.94
N ILE B 263 6.61 -2.20 17.01
N ILE B 263 6.62 -2.21 17.01
CA ILE B 263 7.59 -1.14 17.19
CA ILE B 263 7.60 -1.12 17.20
C ILE B 263 6.94 0.25 17.29
C ILE B 263 6.92 0.25 17.30
N ILE B 264 7.56 1.15 18.02
CA ILE B 264 7.06 2.52 18.22
C ILE B 264 7.74 3.46 17.23
N LEU B 265 6.94 4.15 16.43
CA LEU B 265 7.46 5.11 15.44
C LEU B 265 6.71 6.43 15.55
N ASP B 266 7.43 7.52 15.83
CA ASP B 266 6.83 8.83 15.94
C ASP B 266 7.40 9.70 14.82
N LYS B 267 6.70 9.72 13.69
CA LYS B 267 7.14 10.50 12.53
C LYS B 267 6.95 12.00 12.68
N ASN B 268 6.32 12.42 13.78
CA ASN B 268 6.15 13.83 14.08
C ASN B 268 7.41 14.39 14.73
N ASP B 269 8.21 13.51 15.33
CA ASP B 269 9.45 13.92 16.00
C ASP B 269 10.59 13.82 14.99
N HIS B 270 11.33 14.92 14.84
CA HIS B 270 12.45 14.98 13.90
C HIS B 270 13.81 15.16 14.59
N GLN B 271 13.83 15.02 15.91
CA GLN B 271 15.07 15.18 16.69
C GLN B 271 16.03 14.01 16.57
N THR B 272 17.33 14.31 16.60
CA THR B 272 18.37 13.29 16.48
C THR B 272 18.25 12.26 17.60
N PHE B 273 18.31 12.71 18.86
CA PHE B 273 18.15 11.76 19.97
C PHE B 273 16.64 11.53 20.13
N ARG B 274 16.21 10.27 20.06
CA ARG B 274 14.78 9.93 20.08
C ARG B 274 14.33 9.01 21.20
N LYS B 275 13.02 9.05 21.49
CA LYS B 275 12.41 8.18 22.51
C LYS B 275 11.68 7.02 21.82
N ASP B 276 11.43 7.15 20.52
CA ASP B 276 10.77 6.09 19.77
C ASP B 276 11.84 5.09 19.32
N GLU B 277 11.50 4.19 18.38
CA GLU B 277 12.42 3.15 17.91
C GLU B 277 12.68 3.26 16.40
N LYS B 278 12.86 4.50 15.95
CA LYS B 278 13.08 4.82 14.54
C LYS B 278 14.31 4.18 13.91
N VAL B 279 15.41 4.03 14.65
CA VAL B 279 16.61 3.43 14.05
C VAL B 279 16.32 1.99 13.62
N GLU B 280 15.69 1.21 14.51
CA GLU B 280 15.32 -0.17 14.20
C GLU B 280 14.31 -0.25 13.05
N TYR B 281 13.32 0.64 13.06
CA TYR B 281 12.30 0.64 12.02
C TYR B 281 12.92 0.90 10.67
N ASP B 282 13.76 1.93 10.57
CA ASP B 282 14.39 2.30 9.29
C ASP B 282 15.38 1.25 8.83
N ALA B 283 16.14 0.66 9.75
CA ALA B 283 17.11 -0.39 9.38
C ALA B 283 16.40 -1.61 8.78
N LEU B 284 15.29 -2.00 9.40
CA LEU B 284 14.52 -3.17 8.94
C LEU B 284 13.89 -2.91 7.56
N GLN B 285 13.29 -1.74 7.39
CA GLN B 285 12.65 -1.38 6.12
C GLN B 285 13.74 -1.24 5.05
N LYS B 286 14.87 -0.65 5.41
CA LYS B 286 15.96 -0.48 4.46
C LYS B 286 16.56 -1.86 4.07
N ALA B 287 16.66 -2.77 5.04
CA ALA B 287 17.16 -4.13 4.79
C ALA B 287 16.23 -4.84 3.79
N ILE B 288 14.93 -4.68 4.00
CA ILE B 288 13.92 -5.28 3.13
C ILE B 288 14.01 -4.70 1.71
N ASN B 289 14.20 -3.38 1.61
CA ASN B 289 14.36 -2.74 0.29
C ASN B 289 15.68 -3.10 -0.40
N TYR B 290 16.71 -3.36 0.40
CA TYR B 290 18.01 -3.80 -0.11
C TYR B 290 17.81 -5.18 -0.75
N ALA B 291 17.11 -6.07 -0.04
CA ALA B 291 16.81 -7.40 -0.53
C ALA B 291 16.05 -7.32 -1.87
N LYS B 292 15.08 -6.43 -1.96
CA LYS B 292 14.31 -6.26 -3.20
C LYS B 292 15.24 -5.85 -4.35
N LYS B 293 16.17 -4.94 -4.06
CA LYS B 293 17.13 -4.49 -5.04
C LYS B 293 17.97 -5.67 -5.57
N LYS B 294 18.24 -6.64 -4.69
CA LYS B 294 18.99 -7.83 -5.05
C LYS B 294 18.08 -8.89 -5.70
N LYS B 295 16.83 -8.54 -5.99
CA LYS B 295 15.86 -9.46 -6.61
C LYS B 295 15.37 -10.58 -5.67
N SER B 296 15.41 -10.33 -4.35
CA SER B 296 14.91 -11.30 -3.37
C SER B 296 13.53 -10.84 -2.93
N ILE B 297 12.69 -11.78 -2.59
CA ILE B 297 11.33 -11.53 -2.13
C ILE B 297 11.27 -11.82 -0.62
N VAL B 298 10.82 -10.83 0.16
CA VAL B 298 10.66 -10.99 1.61
C VAL B 298 9.23 -11.41 1.94
N VAL B 299 9.10 -12.52 2.66
CA VAL B 299 7.77 -13.05 3.06
C VAL B 299 7.71 -13.06 4.60
N ALA B 300 6.68 -12.43 5.16
CA ALA B 300 6.62 -12.30 6.61
C ALA B 300 5.29 -12.65 7.19
N ALA B 301 5.35 -13.16 8.42
CA ALA B 301 4.17 -13.55 9.16
C ALA B 301 3.42 -12.36 9.71
N ALA B 302 2.11 -12.40 9.57
CA ALA B 302 1.25 -11.43 10.21
C ALA B 302 1.43 -11.69 11.69
N GLY B 303 1.13 -10.70 12.54
CA GLY B 303 1.23 -10.91 13.98
C GLY B 303 0.23 -11.97 14.47
N ASN B 304 0.44 -12.43 15.70
CA ASN B 304 -0.41 -13.46 16.30
C ASN B 304 -1.29 -13.06 17.44
N ASP B 305 -1.91 -11.89 17.37
CA ASP B 305 -2.75 -11.41 18.43
C ASP B 305 -4.20 -11.21 18.03
N GLY B 306 -4.59 -11.72 16.87
CA GLY B 306 -5.97 -11.59 16.39
C GLY B 306 -6.42 -10.16 16.23
N ILE B 307 -5.47 -9.27 15.95
CA ILE B 307 -5.76 -7.85 15.82
C ILE B 307 -5.98 -7.31 14.40
N ASP B 308 -6.99 -6.45 14.23
CA ASP B 308 -7.18 -5.73 12.98
C ASP B 308 -6.15 -4.60 13.09
N VAL B 309 -5.10 -4.62 12.29
CA VAL B 309 -4.03 -3.62 12.42
C VAL B 309 -4.45 -2.18 12.12
N ASN B 310 -5.66 -1.99 11.58
CA ASN B 310 -6.15 -0.65 11.32
C ASN B 310 -6.80 -0.06 12.58
N ASP B 311 -6.93 -0.87 13.63
CA ASP B 311 -7.43 -0.37 14.90
C ASP B 311 -6.18 0.09 15.65
N LYS B 312 -5.83 1.37 15.52
CA LYS B 312 -4.62 1.90 16.14
C LYS B 312 -4.62 1.81 17.66
N GLN B 313 -5.78 1.87 18.28
CA GLN B 313 -5.85 1.74 19.73
C GLN B 313 -5.34 0.38 20.21
N LYS B 314 -5.81 -0.70 19.57
CA LYS B 314 -5.38 -2.05 19.94
C LYS B 314 -3.88 -2.30 19.70
N LEU B 315 -3.33 -1.73 18.63
CA LEU B 315 -1.89 -1.88 18.40
C LEU B 315 -1.12 -1.23 19.51
N LYS B 316 -1.47 0.02 19.83
CA LYS B 316 -0.81 0.76 20.91
C LYS B 316 -0.83 -0.04 22.21
N LEU B 317 -1.94 -0.74 22.43
CA LEU B 317 -2.12 -1.56 23.62
C LEU B 317 -1.07 -2.69 23.70
N GLN B 318 -0.50 -3.11 22.57
CA GLN B 318 0.53 -4.16 22.57
C GLN B 318 1.85 -3.69 23.19
N ARG B 319 2.09 -2.38 23.20
CA ARG B 319 3.31 -1.84 23.81
C ARG B 319 2.98 -0.97 25.03
N GLU B 320 1.71 -0.97 25.46
CA GLU B 320 1.27 -0.13 26.58
C GLU B 320 1.87 1.24 26.34
N TYR B 321 1.49 1.82 25.22
CA TYR B 321 2.01 3.10 24.78
C TYR B 321 0.90 4.15 24.70
N GLN B 322 1.16 5.32 25.28
CA GLN B 322 0.21 6.44 25.24
C GLN B 322 0.91 7.73 24.79
N GLY B 323 1.83 7.61 23.84
CA GLY B 323 2.57 8.76 23.32
C GLY B 323 1.94 9.29 22.04
N ASN B 324 2.60 10.25 21.40
CA ASN B 324 2.10 10.86 20.16
C ASN B 324 2.38 10.04 18.91
N GLY B 325 3.23 9.01 19.03
CA GLY B 325 3.56 8.17 17.89
C GLY B 325 2.59 7.02 17.70
N GLU B 326 3.00 6.05 16.89
CA GLU B 326 2.16 4.90 16.62
C GLU B 326 2.95 3.61 16.73
N VAL B 327 2.22 2.52 16.96
CA VAL B 327 2.81 1.22 17.06
C VAL B 327 2.56 0.50 15.72
N LYS B 328 3.59 -0.13 15.19
CA LYS B 328 3.48 -0.83 13.90
C LYS B 328 3.92 -2.28 14.03
N ASP B 329 3.21 -3.16 13.32
CA ASP B 329 3.50 -4.60 13.31
C ASP B 329 4.51 -4.80 12.21
N VAL B 330 5.78 -5.02 12.59
CA VAL B 330 6.83 -5.15 11.61
C VAL B 330 7.62 -6.44 11.76
N PRO B 331 8.12 -6.97 10.63
CA PRO B 331 8.02 -6.41 9.27
C PRO B 331 6.70 -6.63 8.50
N ALA B 332 5.71 -7.26 9.10
CA ALA B 332 4.47 -7.57 8.40
C ALA B 332 3.85 -6.41 7.60
N SER B 333 3.85 -5.21 8.17
CA SER B 333 3.21 -4.06 7.53
C SER B 333 4.12 -3.20 6.65
N MET B 334 5.38 -3.59 6.52
CA MET B 334 6.32 -2.78 5.76
C MET B 334 6.19 -2.90 4.26
N ASP B 335 6.78 -1.93 3.57
CA ASP B 335 6.78 -1.92 2.11
C ASP B 335 7.57 -3.11 1.59
N ASN B 336 7.12 -3.64 0.46
CA ASN B 336 7.80 -4.73 -0.22
C ASN B 336 7.88 -6.04 0.60
N VAL B 337 6.78 -6.36 1.25
CA VAL B 337 6.69 -7.56 2.06
C VAL B 337 5.43 -8.31 1.72
N VAL B 338 5.57 -9.60 1.43
CA VAL B 338 4.43 -10.49 1.18
C VAL B 338 3.93 -10.85 2.60
N THR B 339 2.76 -10.33 2.95
CA THR B 339 2.21 -10.44 4.30
C THR B 339 1.25 -11.60 4.39
N VAL B 340 1.62 -12.58 5.21
CA VAL B 340 0.87 -13.85 5.30
C VAL B 340 0.08 -14.04 6.60
N GLY B 341 -1.24 -14.20 6.45
CA GLY B 341 -2.11 -14.49 7.56
C GLY B 341 -2.30 -16.01 7.62
N SER B 342 -2.94 -16.47 8.69
CA SER B 342 -3.16 -17.87 8.92
C SER B 342 -4.62 -18.31 8.92
N THR B 343 -4.86 -19.48 8.34
CA THR B 343 -6.17 -20.11 8.34
C THR B 343 -6.12 -21.42 9.13
N ASP B 344 -7.31 -21.89 9.49
CA ASP B 344 -7.50 -23.13 10.23
C ASP B 344 -7.97 -24.25 9.31
N GLN B 345 -8.28 -25.39 9.89
CA GLN B 345 -8.65 -26.55 9.11
C GLN B 345 -9.98 -26.42 8.35
N LYS B 346 -10.74 -25.36 8.63
CA LYS B 346 -12.00 -25.11 7.92
C LYS B 346 -11.83 -23.96 6.92
N SER B 347 -10.58 -23.56 6.68
CA SER B 347 -10.25 -22.45 5.78
C SER B 347 -10.74 -21.08 6.28
N ASN B 348 -11.05 -20.98 7.57
CA ASN B 348 -11.45 -19.73 8.17
C ASN B 348 -10.19 -19.13 8.77
N LEU B 349 -10.12 -17.80 8.84
CA LEU B 349 -8.94 -17.16 9.42
C LEU B 349 -8.74 -17.66 10.87
N SER B 350 -7.52 -18.04 11.22
CA SER B 350 -7.19 -18.48 12.57
C SER B 350 -7.51 -17.36 13.57
N GLU B 351 -8.01 -17.73 14.74
CA GLU B 351 -8.40 -16.75 15.74
C GLU B 351 -7.25 -15.88 16.20
N PHE B 352 -6.02 -16.38 16.12
CA PHE B 352 -4.85 -15.59 16.53
C PHE B 352 -4.26 -14.75 15.40
N SER B 353 -4.74 -14.90 14.18
CA SER B 353 -4.11 -14.16 13.09
C SER B 353 -4.44 -12.67 13.02
N ASN B 354 -3.42 -11.83 12.96
CA ASN B 354 -3.68 -10.40 12.70
C ASN B 354 -4.17 -10.31 11.26
N PHE B 355 -4.80 -9.18 10.92
CA PHE B 355 -5.36 -8.99 9.60
C PHE B 355 -5.64 -7.52 9.40
N GLY B 356 -6.10 -7.17 8.21
CA GLY B 356 -6.50 -5.80 7.93
C GLY B 356 -6.38 -5.34 6.50
N MET B 357 -7.20 -4.34 6.18
CA MET B 357 -7.16 -3.68 4.88
C MET B 357 -5.75 -3.07 4.77
N ASN B 358 -5.15 -3.19 3.59
CA ASN B 358 -3.80 -2.66 3.32
C ASN B 358 -2.73 -3.35 4.16
N TYR B 359 -2.97 -4.63 4.50
CA TYR B 359 -2.03 -5.42 5.31
C TYR B 359 -1.93 -6.84 4.77
N THR B 360 -2.96 -7.64 4.99
CA THR B 360 -2.94 -9.03 4.55
C THR B 360 -2.83 -9.17 3.03
N ASP B 361 -1.86 -9.95 2.55
CA ASP B 361 -1.68 -10.21 1.10
C ASP B 361 -2.19 -11.55 0.68
N ILE B 362 -2.02 -12.52 1.58
CA ILE B 362 -2.38 -13.89 1.31
C ILE B 362 -2.50 -14.64 2.65
N ALA B 363 -3.20 -15.77 2.65
CA ALA B 363 -3.34 -16.58 3.87
C ALA B 363 -3.00 -18.04 3.54
N ALA B 364 -2.50 -18.77 4.53
CA ALA B 364 -2.17 -20.18 4.37
C ALA B 364 -2.44 -20.90 5.68
N PRO B 365 -2.59 -22.23 5.63
CA PRO B 365 -2.92 -22.91 6.89
C PRO B 365 -1.84 -22.87 7.96
N GLY B 366 -2.20 -22.29 9.12
CA GLY B 366 -1.33 -22.23 10.28
C GLY B 366 -1.99 -22.86 11.51
N GLY B 367 -3.23 -23.32 11.36
CA GLY B 367 -3.90 -24.00 12.45
C GLY B 367 -4.75 -23.15 13.36
N SER B 368 -5.06 -23.71 14.52
CA SER B 368 -5.93 -23.07 15.50
C SER B 368 -5.83 -23.77 16.86
N PHE B 369 -6.25 -23.06 17.89
CA PHE B 369 -6.34 -23.62 19.23
C PHE B 369 -7.73 -23.41 19.73
N ALA B 370 -8.68 -23.16 18.82
CA ALA B 370 -10.08 -22.94 19.25
C ALA B 370 -10.64 -24.05 20.11
N TYR B 371 -10.42 -25.30 19.72
N TYR B 371 -10.39 -25.30 19.75
CA TYR B 371 -10.91 -26.43 20.51
CA TYR B 371 -10.93 -26.39 20.51
C TYR B 371 -10.25 -26.44 21.88
C TYR B 371 -10.25 -26.47 21.88
N LEU B 372 -8.94 -26.21 21.92
CA LEU B 372 -8.20 -26.21 23.17
C LEU B 372 -8.71 -25.09 24.08
N ASN B 373 -8.92 -23.90 23.53
CA ASN B 373 -9.39 -22.77 24.32
C ASN B 373 -10.80 -23.00 24.83
N GLN B 374 -11.60 -23.71 24.05
CA GLN B 374 -12.98 -23.93 24.43
C GLN B 374 -13.22 -25.10 25.40
N PHE B 375 -12.52 -26.22 25.22
CA PHE B 375 -12.77 -27.39 26.06
C PHE B 375 -11.70 -27.75 27.09
N GLY B 376 -10.58 -27.05 27.11
CA GLY B 376 -9.52 -27.35 28.06
C GLY B 376 -8.63 -28.48 27.57
N VAL B 377 -7.40 -28.52 28.07
CA VAL B 377 -6.42 -29.50 27.64
C VAL B 377 -6.87 -30.97 27.75
N ASP B 378 -7.49 -31.35 28.86
CA ASP B 378 -7.91 -32.75 29.06
C ASP B 378 -8.81 -33.25 27.97
N LYS B 379 -9.92 -32.55 27.73
CA LYS B 379 -10.83 -32.96 26.69
C LYS B 379 -10.16 -32.83 25.31
N TRP B 380 -9.34 -31.79 25.14
CA TRP B 380 -8.61 -31.56 23.90
C TRP B 380 -7.78 -32.82 23.57
N MET B 381 -7.20 -33.44 24.59
CA MET B 381 -6.43 -34.70 24.40
C MET B 381 -7.33 -35.91 24.07
N ASN B 382 -8.42 -36.09 24.80
CA ASN B 382 -9.31 -37.26 24.63
C ASN B 382 -9.97 -37.35 23.27
N GLU B 383 -10.25 -36.23 22.66
CA GLU B 383 -10.84 -36.27 21.34
C GLU B 383 -9.77 -36.01 20.30
N GLY B 384 -8.51 -36.18 20.74
CA GLY B 384 -7.33 -35.97 19.88
C GLY B 384 -7.48 -34.80 18.93
N TYR B 385 -8.00 -33.69 19.46
N TYR B 385 -7.97 -33.66 19.43
CA TYR B 385 -8.22 -32.46 18.66
CA TYR B 385 -8.22 -32.53 18.55
C TYR B 385 -6.94 -31.86 18.07
C TYR B 385 -6.93 -31.88 18.03
N MET B 386 -5.81 -32.17 18.68
CA MET B 386 -4.51 -31.69 18.22
C MET B 386 -4.29 -32.11 16.76
N HIS B 387 -4.75 -33.32 16.43
CA HIS B 387 -4.59 -33.86 15.10
C HIS B 387 -5.46 -33.15 14.08
N LYS B 388 -6.51 -32.48 14.53
CA LYS B 388 -7.40 -31.78 13.62
C LYS B 388 -7.08 -30.29 13.43
N GLU B 389 -6.71 -29.61 14.50
CA GLU B 389 -6.49 -28.15 14.43
C GLU B 389 -5.05 -27.64 14.49
N ASN B 390 -4.10 -28.51 14.82
CA ASN B 390 -2.69 -28.12 14.85
C ASN B 390 -1.92 -28.64 13.64
N ILE B 391 -0.78 -28.02 13.41
CA ILE B 391 0.11 -28.34 12.30
C ILE B 391 1.20 -29.29 12.80
N LEU B 392 1.37 -30.42 12.13
CA LEU B 392 2.41 -31.36 12.47
C LEU B 392 3.70 -30.91 11.75
N THR B 393 4.80 -30.81 12.47
CA THR B 393 6.02 -30.36 11.83
C THR B 393 7.28 -30.94 12.49
N THR B 394 8.43 -30.67 11.90
CA THR B 394 9.69 -31.16 12.45
C THR B 394 10.07 -30.43 13.74
N ALA B 395 10.65 -31.16 14.70
CA ALA B 395 11.07 -30.62 15.99
C ALA B 395 12.57 -30.82 16.19
N ASN B 396 13.18 -29.97 17.02
CA ASN B 396 14.62 -30.04 17.28
C ASN B 396 15.11 -31.19 18.16
N ASN B 397 14.23 -32.15 18.45
CA ASN B 397 14.61 -33.34 19.19
C ASN B 397 14.73 -34.49 18.19
N GLY B 398 14.62 -34.18 16.90
CA GLY B 398 14.72 -35.20 15.84
C GLY B 398 13.38 -35.83 15.49
N ARG B 399 12.34 -35.48 16.23
CA ARG B 399 11.05 -36.04 15.96
C ARG B 399 10.08 -34.96 15.44
N TYR B 400 8.83 -35.00 15.90
CA TYR B 400 7.81 -34.11 15.41
C TYR B 400 7.05 -33.45 16.53
N ILE B 401 6.32 -32.40 16.20
CA ILE B 401 5.56 -31.67 17.18
C ILE B 401 4.35 -31.04 16.53
N TYR B 402 3.29 -30.87 17.29
CA TYR B 402 2.09 -30.18 16.83
C TYR B 402 2.10 -28.77 17.41
N GLN B 403 1.88 -27.79 16.55
CA GLN B 403 1.84 -26.39 16.94
C GLN B 403 0.93 -25.62 15.99
N ALA B 404 0.75 -24.34 16.27
CA ALA B 404 -0.06 -23.48 15.41
C ALA B 404 0.46 -22.08 15.53
N GLY B 405 0.25 -21.29 14.47
CA GLY B 405 0.69 -19.90 14.43
C GLY B 405 0.90 -19.40 13.02
N THR B 406 0.93 -18.08 12.87
CA THR B 406 1.20 -17.48 11.56
C THR B 406 2.63 -17.88 11.08
N ALA B 407 3.49 -18.21 12.04
CA ALA B 407 4.86 -18.65 11.74
C ALA B 407 4.92 -19.96 10.95
N LEU B 408 3.83 -20.75 10.97
CA LEU B 408 3.75 -22.01 10.23
C LEU B 408 2.98 -21.85 8.92
N ALA B 409 2.24 -20.75 8.78
CA ALA B 409 1.54 -20.44 7.51
C ALA B 409 2.53 -19.78 6.55
N THR B 410 3.33 -18.84 7.07
CA THR B 410 4.30 -18.09 6.27
C THR B 410 5.26 -18.97 5.40
N PRO B 411 5.88 -20.01 6.00
CA PRO B 411 6.79 -20.84 5.19
C PRO B 411 6.10 -21.57 4.05
N LYS B 412 4.80 -21.82 4.15
CA LYS B 412 4.10 -22.45 3.03
C LYS B 412 4.14 -21.52 1.82
N VAL B 413 3.95 -20.22 2.08
CA VAL B 413 3.96 -19.20 1.02
C VAL B 413 5.38 -19.07 0.43
N SER B 414 6.37 -19.02 1.31
CA SER B 414 7.77 -18.95 0.88
C SER B 414 8.12 -20.14 -0.01
N GLY B 415 7.70 -21.33 0.41
CA GLY B 415 7.93 -22.55 -0.39
C GLY B 415 7.22 -22.45 -1.73
N ALA B 416 6.02 -21.89 -1.73
CA ALA B 416 5.23 -21.77 -2.95
C ALA B 416 5.90 -20.83 -3.95
N LEU B 417 6.44 -19.72 -3.45
CA LEU B 417 7.13 -18.79 -4.30
C LEU B 417 8.36 -19.41 -4.95
N ALA B 418 9.04 -20.27 -4.22
CA ALA B 418 10.21 -20.96 -4.76
C ALA B 418 9.78 -21.89 -5.90
N LEU B 419 8.63 -22.55 -5.74
CA LEU B 419 8.11 -23.44 -6.77
C LEU B 419 7.73 -22.65 -8.02
N ILE B 420 7.08 -21.51 -7.84
CA ILE B 420 6.66 -20.64 -8.94
C ILE B 420 7.84 -20.13 -9.71
N ILE B 421 8.87 -19.65 -9.00
CA ILE B 421 10.05 -19.16 -9.65
C ILE B 421 10.69 -20.24 -10.53
N ASP B 422 10.79 -21.45 -9.99
CA ASP B 422 11.42 -22.55 -10.72
C ASP B 422 10.55 -23.09 -11.86
N LYS B 423 9.24 -23.15 -11.64
CA LYS B 423 8.31 -23.67 -12.65
C LYS B 423 8.21 -22.78 -13.87
N TYR B 424 8.18 -21.47 -13.65
CA TYR B 424 7.99 -20.52 -14.74
C TYR B 424 9.22 -19.73 -15.14
N HIS B 425 10.37 -20.10 -14.55
CA HIS B 425 11.65 -19.46 -14.80
C HIS B 425 11.53 -17.94 -14.66
N LEU B 426 11.13 -17.50 -13.46
CA LEU B 426 10.93 -16.08 -13.17
C LEU B 426 12.03 -15.46 -12.30
N GLU B 427 13.22 -16.06 -12.33
CA GLU B 427 14.36 -15.57 -11.53
C GLU B 427 14.71 -14.09 -11.80
N LYS B 428 14.57 -13.63 -13.04
CA LYS B 428 14.87 -12.22 -13.30
C LYS B 428 13.64 -11.33 -13.13
N HIS B 429 12.49 -11.93 -12.79
CA HIS B 429 11.25 -11.18 -12.63
C HIS B 429 10.50 -11.58 -11.37
N PRO B 430 11.10 -11.33 -10.20
CA PRO B 430 10.45 -11.74 -8.96
C PRO B 430 9.06 -11.15 -8.79
N ASP B 431 8.83 -9.92 -9.24
CA ASP B 431 7.49 -9.32 -9.12
C ASP B 431 6.48 -10.12 -9.91
N LYS B 432 6.92 -10.76 -11.00
CA LYS B 432 6.00 -11.58 -11.77
C LYS B 432 5.62 -12.83 -10.98
N ALA B 433 6.54 -13.33 -10.15
CA ALA B 433 6.29 -14.49 -9.33
C ALA B 433 5.25 -14.15 -8.26
N ILE B 434 5.41 -12.99 -7.65
CA ILE B 434 4.47 -12.51 -6.65
C ILE B 434 3.08 -12.33 -7.30
N GLU B 435 3.04 -11.70 -8.46
CA GLU B 435 1.79 -11.49 -9.17
C GLU B 435 1.09 -12.82 -9.50
N LEU B 436 1.87 -13.82 -9.95
CA LEU B 436 1.32 -15.15 -10.25
C LEU B 436 0.81 -15.81 -8.96
N LEU B 437 1.57 -15.70 -7.87
CA LEU B 437 1.15 -16.25 -6.57
C LEU B 437 -0.25 -15.72 -6.20
N TYR B 438 -0.41 -14.40 -6.30
CA TYR B 438 -1.69 -13.80 -5.95
C TYR B 438 -2.83 -14.12 -6.88
N GLN B 439 -2.53 -14.17 -8.16
CA GLN B 439 -3.54 -14.38 -9.15
C GLN B 439 -3.90 -15.84 -9.38
N HIS B 440 -2.87 -16.68 -9.48
CA HIS B 440 -3.08 -18.09 -9.75
C HIS B 440 -2.69 -19.03 -8.62
N GLY B 441 -2.12 -18.52 -7.54
CA GLY B 441 -1.69 -19.35 -6.42
C GLY B 441 -2.59 -19.25 -5.20
N THR B 442 -3.82 -18.81 -5.41
CA THR B 442 -4.82 -18.66 -4.35
C THR B 442 -6.15 -19.26 -4.83
N SER B 443 -6.88 -19.93 -3.96
CA SER B 443 -8.17 -20.48 -4.34
C SER B 443 -9.14 -19.30 -4.41
N LYS B 444 -10.15 -19.40 -5.24
CA LYS B 444 -11.07 -18.27 -5.36
C LYS B 444 -12.41 -18.63 -4.75
N ASN B 445 -12.50 -18.42 -3.43
CA ASN B 445 -13.70 -18.76 -2.66
C ASN B 445 -14.37 -17.53 -2.04
N ASN B 446 -14.20 -16.38 -2.69
CA ASN B 446 -14.81 -15.15 -2.27
C ASN B 446 -14.47 -14.69 -0.83
N LYS B 447 -13.27 -14.99 -0.36
CA LYS B 447 -12.88 -14.59 0.99
C LYS B 447 -12.63 -13.07 1.00
N PRO B 448 -13.08 -12.36 2.05
CA PRO B 448 -12.89 -10.91 2.17
C PRO B 448 -11.42 -10.55 2.18
N PHE B 449 -11.04 -9.61 1.31
CA PHE B 449 -9.64 -9.23 1.15
C PHE B 449 -9.01 -8.69 2.44
N SER B 450 -9.78 -8.04 3.30
CA SER B 450 -9.20 -7.49 4.54
C SER B 450 -8.72 -8.56 5.51
N ARG B 451 -9.25 -9.77 5.40
CA ARG B 451 -8.84 -10.88 6.27
C ARG B 451 -7.93 -11.91 5.62
N TYR B 452 -8.13 -12.13 4.32
CA TYR B 452 -7.38 -13.15 3.58
C TYR B 452 -6.52 -12.63 2.44
N GLY B 453 -6.53 -11.34 2.21
CA GLY B 453 -5.82 -10.79 1.07
C GLY B 453 -6.34 -11.46 -0.20
N HIS B 454 -5.43 -11.86 -1.07
CA HIS B 454 -5.81 -12.45 -2.35
C HIS B 454 -6.47 -13.82 -2.27
N GLY B 455 -6.43 -14.42 -1.08
CA GLY B 455 -7.09 -15.68 -0.83
C GLY B 455 -6.19 -16.69 -0.14
N GLU B 456 -6.72 -17.90 0.05
CA GLU B 456 -5.94 -18.96 0.69
C GLU B 456 -5.01 -19.58 -0.34
N LEU B 457 -3.76 -19.80 0.07
CA LEU B 457 -2.74 -20.39 -0.79
C LEU B 457 -3.23 -21.66 -1.46
N ASP B 458 -2.92 -21.80 -2.76
CA ASP B 458 -3.26 -22.99 -3.55
C ASP B 458 -2.09 -23.33 -4.47
N VAL B 459 -1.27 -24.28 -4.02
CA VAL B 459 -0.08 -24.69 -4.74
C VAL B 459 -0.41 -25.45 -6.03
N TYR B 460 -1.43 -26.29 -5.99
CA TYR B 460 -1.85 -27.02 -7.18
C TYR B 460 -2.18 -26.04 -8.31
N LYS B 461 -2.98 -25.03 -8.00
CA LYS B 461 -3.35 -24.01 -8.98
C LYS B 461 -2.12 -23.29 -9.49
N ALA B 462 -1.24 -22.93 -8.58
CA ALA B 462 -0.04 -22.18 -8.93
C ALA B 462 0.82 -22.92 -9.95
N LEU B 463 0.86 -24.25 -9.82
CA LEU B 463 1.67 -25.08 -10.69
C LEU B 463 0.98 -25.55 -11.96
N ASN B 464 -0.27 -25.15 -12.18
CA ASN B 464 -1.01 -25.61 -13.36
C ASN B 464 -1.61 -24.49 -14.22
N VAL B 465 -0.94 -23.35 -14.26
CA VAL B 465 -1.42 -22.22 -15.05
C VAL B 465 -1.52 -22.54 -16.56
N ALA B 466 -0.59 -23.35 -17.09
CA ALA B 466 -0.61 -23.76 -18.51
C ALA B 466 -1.25 -22.72 -19.46
CA CA C . -5.00 2.96 -3.94
CA CA D . 1.30 3.47 -3.67
CA CA E . -16.09 14.38 8.58
CA CA F . 2.54 -6.51 2.21
CA CA G . 2.11 -0.78 4.99
CA CA H . 20.12 -11.68 -6.17
CL CL I . -2.95 -37.81 3.87
#